data_7VX4
#
_entry.id   7VX4
#
_cell.length_a   1.00
_cell.length_b   1.00
_cell.length_c   1.00
_cell.angle_alpha   90.00
_cell.angle_beta   90.00
_cell.angle_gamma   90.00
#
_symmetry.space_group_name_H-M   'P 1'
#
loop_
_entity.id
_entity.type
_entity.pdbx_description
1 polymer 'Angiotensin-converting enzyme 2'
2 polymer 'Spike glycoprotein'
3 non-polymer 'ZINC ION'
4 non-polymer 2-acetamido-2-deoxy-beta-D-glucopyranose
#
loop_
_entity_poly.entity_id
_entity_poly.type
_entity_poly.pdbx_seq_one_letter_code
_entity_poly.pdbx_strand_id
1 'polypeptide(L)'
;MHSSALLCCLVLLTGVRAQSTIEEQAKTFLDKFNHEAEDLFYQSSLASWNYNTNITEENVQNMNNAGDKWSAFLKEQSTL
AQMYPLQEIQNLTVKLQLQALQQNGSSVLSEDKSKRLNTILNTMSTIYSTGKVCNPDNPQECLLLEPGLNEIMANSLDYN
ERLWAWESWRSEVGKQLRPLYEEYVVLKNEMARANHYEDYGDYWRGDYEVNGVDGYDYSRGQLIEDVEHTFEEIKPLYEH
LHAYVRAKLMNAYPSYISPIGCLPAHLLGDMWGRFWTNLYSLTVPFGQKPNIDVTDAMVDQAWDAQRIFKEAEKFFVSVG
LPNMTQGFWENSMLTDPGNVQKAVCHPTAWDLGKGDFRILMCTKVTMDDFLTAHHEMGHIQYDMAYAAQPFLLRNGANEG
FHEAVGEIMSLSAATPKHLKSIGLLSPDFQEDNETEINFLLKQALTIVGTLPFTYMLEKWRWMVFKGEIPKDQWMKKWWE
MKREIVGVVEPVPHDETYCDPASLFHVSNDYSFIRYYTRTLYQFQFQEALCQAAKHEGPLHKCDISNSTEAGQKLFNMLR
LGKSEPWTLALENVVGAKNMNVRPLLNYFEPLFTWLKDQNKNSFVGWSTDWSPYADHHHHHHHHH
;
A
2 'polypeptide(L)'
;MFVFLVLLPLVSSQCVNFTTRTQLPPAYTNSFTRGVYYPDKVFRSSVLHSTQDLFLPFFSNVTWFHAIHVSGTNGTKRFA
NPVLPFNDGVYFASTEKSNIIRGWIFGTTLDSKTQSLLIVNNATNVVIKVCEFQFCNDPFLGVYYHKNNKSWMESEFRVY
SSANNCTFEYVSQPFLMDLEGKQGNFKNLREFVFKNIDGYFKIYSKHTPINLVRGLPQGFSALEPLVDLPIGINITRFQT
LHISYLTPGDSSSGWTAGAAAYYVGYLQPRTFLLKYNENGTITDAVDCALDPLSETKCTLKSFTVEKGIYQTSNFRVQPT
ESIVRFPNITNLCPFGEVFNATRFASVYAWNRKRISNCVADYSVLYNSASFSTFKCYGVSPTKLNDLCFTNVYADSFVIR
GDEVRQIAPGQTGNIADYNYKLPDDFTGCVIAWNSNNLDSKVGGNYNYLYRLFRKSNLKPFERDISTEIYQAGSTPCNGV
KGFNCYFPLQSYGFQPTYGVGYQPYRVVVLSFELLHAPATVCGPKKSTNLVKNKCVNFNFNGLTGTGVLTESNKKFLPFQ
QFGRDIADTTDAVRDPQTLEILDITPCSFGGVSVITPGTNTSNQVAVLYQGVNCTEVPVAIHADQLTPTWRVYSTGSNVF
QTRAGCLIGAEHVNNSYECDIPIGAGICASYQTQTNSPGSASSVASQSIIAYTMSLGVENSVAYSNNSIAIPTNFTISVT
TEILPVSMTKTSVDCTMYICGDSTECSNLLLQYGSFCTQLNRALTGIAVEQDKNTQEVFAQVKQIYKTPPIKDFGGFNFS
QILPDPSKPSKRSFIEDLLFNKVTLADAGFIKQYGDCLGDIAARDLICAQKFNGLTVLPPLLTDEMIAQYTSALLAGTIT
SGWTFGAGAALQIPFAMQMAYRFNGIGVTQNVLYENQKLIANQFNSAIGKIQDSLSSTASALGKLQDVVNQNAQALNTLV
KQLSSNFGAISSVLNDILSRLDPPEAEVQIDRLITGRLQSLQTYVTQQLIRAAEIRASANLAATKMSECVLGQSKRVDFC
GKGYHLMSFPQSAPHGVVFLHVTYVPAQEKNFTTAPAICHDGKAHFPREGVFVSNGTHWFVTQRNFYEPQIITTDNTFVS
GNCDVVIGIVNNTVYDPLQPELDSFKEELDKYFKNHTSPDVDLGDISGINASVVNIQKEIDRLNEVAKNLNESLIDLQEL
GKYEQGSGYIPEAPRDGQAYVRKDGEWVLLSTFLENLYFQGDYKDDDDKHHHHHHHHH
;
E
#
loop_
_chem_comp.id
_chem_comp.type
_chem_comp.name
_chem_comp.formula
NAG D-saccharide, beta linking 2-acetamido-2-deoxy-beta-D-glucopyranose 'C8 H15 N O6'
ZN non-polymer 'ZINC ION' 'Zn 2'
#
# COMPACT_ATOMS: atom_id res chain seq x y z
N SER A 20 -34.15 -13.30 -3.99
CA SER A 20 -34.97 -12.92 -5.13
C SER A 20 -34.76 -11.46 -5.50
N THR A 21 -33.92 -10.78 -4.72
CA THR A 21 -33.66 -9.37 -4.97
C THR A 21 -32.31 -9.18 -5.66
N ILE A 22 -31.99 -7.92 -5.95
CA ILE A 22 -30.70 -7.61 -6.54
C ILE A 22 -29.60 -7.73 -5.50
N GLU A 23 -29.93 -7.51 -4.23
CA GLU A 23 -28.94 -7.62 -3.17
C GLU A 23 -28.36 -9.02 -3.09
N GLU A 24 -29.20 -10.04 -3.17
CA GLU A 24 -28.69 -11.41 -3.20
C GLU A 24 -27.84 -11.64 -4.44
N GLN A 25 -28.32 -11.18 -5.61
CA GLN A 25 -27.54 -11.32 -6.83
C GLN A 25 -26.24 -10.51 -6.76
N ALA A 26 -26.24 -9.43 -5.97
CA ALA A 26 -25.03 -8.64 -5.82
C ALA A 26 -24.02 -9.33 -4.92
N LYS A 27 -24.46 -9.81 -3.76
CA LYS A 27 -23.55 -10.53 -2.86
C LYS A 27 -23.07 -11.82 -3.49
N THR A 28 -23.95 -12.51 -4.22
CA THR A 28 -23.56 -13.74 -4.90
C THR A 28 -22.51 -13.46 -5.96
N PHE A 29 -22.65 -12.35 -6.69
CA PHE A 29 -21.70 -12.01 -7.73
C PHE A 29 -20.34 -11.64 -7.13
N LEU A 30 -20.33 -10.77 -6.12
CA LEU A 30 -19.07 -10.30 -5.58
C LEU A 30 -18.34 -11.41 -4.82
N ASP A 31 -19.09 -12.30 -4.15
CA ASP A 31 -18.45 -13.44 -3.51
C ASP A 31 -17.78 -14.32 -4.55
N LYS A 32 -18.42 -14.52 -5.69
CA LYS A 32 -17.76 -15.18 -6.82
C LYS A 32 -16.58 -14.36 -7.31
N PHE A 33 -16.68 -13.03 -7.23
CA PHE A 33 -15.63 -12.18 -7.76
C PHE A 33 -14.43 -12.13 -6.82
N ASN A 34 -14.68 -12.31 -5.51
CA ASN A 34 -13.60 -12.21 -4.53
C ASN A 34 -12.58 -13.32 -4.73
N HIS A 35 -13.04 -14.58 -4.76
CA HIS A 35 -12.11 -15.69 -4.84
C HIS A 35 -11.47 -15.80 -6.23
N GLU A 36 -12.09 -15.19 -7.24
CA GLU A 36 -11.46 -15.11 -8.55
C GLU A 36 -10.40 -14.01 -8.57
N ALA A 37 -10.65 -12.89 -7.89
CA ALA A 37 -9.69 -11.81 -7.86
C ALA A 37 -8.46 -12.18 -7.03
N GLU A 38 -8.66 -13.01 -6.01
CA GLU A 38 -7.53 -13.46 -5.19
C GLU A 38 -6.54 -14.27 -6.01
N ASP A 39 -7.04 -15.16 -6.87
CA ASP A 39 -6.16 -16.09 -7.56
C ASP A 39 -5.41 -15.42 -8.72
N LEU A 40 -6.10 -14.60 -9.51
CA LEU A 40 -5.46 -14.02 -10.69
C LEU A 40 -4.55 -12.85 -10.32
N PHE A 41 -4.88 -12.12 -9.26
CA PHE A 41 -4.02 -11.01 -8.85
C PHE A 41 -2.70 -11.52 -8.28
N TYR A 42 -2.73 -12.65 -7.58
CA TYR A 42 -1.50 -13.19 -7.02
C TYR A 42 -0.57 -13.70 -8.11
N GLN A 43 -1.12 -14.09 -9.26
CA GLN A 43 -0.29 -14.54 -10.37
C GLN A 43 0.48 -13.37 -10.97
N SER A 44 -0.21 -12.26 -11.24
CA SER A 44 0.45 -11.10 -11.81
C SER A 44 1.40 -10.45 -10.82
N SER A 45 1.06 -10.50 -9.53
CA SER A 45 1.91 -9.90 -8.52
C SER A 45 3.17 -10.72 -8.30
N LEU A 46 3.05 -12.05 -8.32
CA LEU A 46 4.23 -12.90 -8.20
C LEU A 46 5.11 -12.79 -9.44
N ALA A 47 4.50 -12.65 -10.61
CA ALA A 47 5.28 -12.46 -11.83
C ALA A 47 6.05 -11.14 -11.79
N SER A 48 5.40 -10.07 -11.31
CA SER A 48 6.10 -8.80 -11.16
C SER A 48 7.22 -8.91 -10.15
N TRP A 49 7.03 -9.74 -9.11
CA TRP A 49 8.11 -10.00 -8.17
C TRP A 49 9.29 -10.68 -8.86
N ASN A 50 9.00 -11.62 -9.76
CA ASN A 50 10.05 -12.29 -10.50
C ASN A 50 10.80 -11.32 -11.41
N TYR A 51 10.07 -10.39 -12.05
CA TYR A 51 10.70 -9.41 -12.91
C TYR A 51 11.62 -8.48 -12.11
N ASN A 52 11.15 -7.99 -10.97
CA ASN A 52 11.93 -7.08 -10.14
C ASN A 52 13.21 -7.70 -9.61
N THR A 53 13.12 -8.84 -8.92
CA THR A 53 14.30 -9.52 -8.39
C THR A 53 15.21 -10.06 -9.49
N ASN A 54 14.65 -10.73 -10.49
CA ASN A 54 15.46 -11.34 -11.54
C ASN A 54 15.08 -10.74 -12.89
N ILE A 55 15.99 -9.99 -13.51
CA ILE A 55 15.69 -9.31 -14.76
C ILE A 55 16.28 -10.12 -15.90
N THR A 56 15.43 -10.75 -16.71
CA THR A 56 15.84 -11.49 -17.89
C THR A 56 14.79 -11.27 -18.98
N GLU A 57 15.17 -11.58 -20.21
CA GLU A 57 14.21 -11.51 -21.31
C GLU A 57 13.09 -12.54 -21.13
N GLU A 58 13.41 -13.67 -20.48
CA GLU A 58 12.39 -14.69 -20.24
C GLU A 58 11.39 -14.24 -19.19
N ASN A 59 11.83 -13.46 -18.20
CA ASN A 59 10.94 -13.04 -17.13
C ASN A 59 10.03 -11.88 -17.54
N VAL A 60 10.29 -11.26 -18.68
CA VAL A 60 9.43 -10.16 -19.14
C VAL A 60 8.13 -10.71 -19.69
N GLN A 61 8.20 -11.79 -20.45
CA GLN A 61 6.99 -12.39 -21.02
C GLN A 61 6.12 -13.00 -19.94
N ASN A 62 6.74 -13.44 -18.83
CA ASN A 62 5.98 -14.01 -17.74
C ASN A 62 5.13 -12.95 -17.03
N MET A 63 5.65 -11.74 -16.92
CA MET A 63 4.89 -10.66 -16.31
C MET A 63 3.85 -10.11 -17.28
N ASN A 64 4.18 -10.06 -18.57
CA ASN A 64 3.26 -9.51 -19.55
C ASN A 64 2.00 -10.36 -19.66
N ASN A 65 2.16 -11.68 -19.80
CA ASN A 65 1.00 -12.56 -19.92
C ASN A 65 0.17 -12.54 -18.63
N ALA A 66 0.84 -12.50 -17.47
CA ALA A 66 0.11 -12.45 -16.21
C ALA A 66 -0.55 -11.09 -15.99
N GLY A 67 0.09 -10.02 -16.47
CA GLY A 67 -0.49 -8.70 -16.31
C GLY A 67 -1.66 -8.45 -17.25
N ASP A 68 -1.70 -9.15 -18.38
CA ASP A 68 -2.77 -8.97 -19.33
C ASP A 68 -4.05 -9.67 -18.88
N LYS A 69 -3.90 -10.86 -18.29
CA LYS A 69 -5.07 -11.61 -17.82
C LYS A 69 -5.80 -10.83 -16.73
N TRP A 70 -5.04 -10.23 -15.82
CA TRP A 70 -5.68 -9.41 -14.78
C TRP A 70 -6.29 -8.15 -15.37
N SER A 71 -5.71 -7.62 -16.44
CA SER A 71 -6.26 -6.43 -17.07
C SER A 71 -7.58 -6.74 -17.77
N ALA A 72 -7.66 -7.90 -18.42
CA ALA A 72 -8.90 -8.28 -19.09
C ALA A 72 -9.93 -8.79 -18.08
N PHE A 73 -9.48 -9.29 -16.93
CA PHE A 73 -10.40 -9.80 -15.93
C PHE A 73 -11.24 -8.69 -15.33
N LEU A 74 -10.61 -7.61 -14.86
CA LEU A 74 -11.36 -6.46 -14.38
C LEU A 74 -12.15 -5.81 -15.50
N LYS A 75 -11.68 -5.96 -16.75
CA LYS A 75 -12.41 -5.42 -17.88
C LYS A 75 -13.63 -6.27 -18.21
N GLU A 76 -13.52 -7.59 -18.01
CA GLU A 76 -14.64 -8.48 -18.29
C GLU A 76 -15.67 -8.42 -17.17
N GLN A 77 -15.22 -8.38 -15.91
CA GLN A 77 -16.14 -8.33 -14.79
C GLN A 77 -16.88 -6.99 -14.73
N SER A 78 -16.35 -5.96 -15.40
CA SER A 78 -17.02 -4.67 -15.40
C SER A 78 -18.25 -4.69 -16.30
N THR A 79 -18.34 -5.69 -17.19
CA THR A 79 -19.51 -5.81 -18.04
C THR A 79 -20.72 -6.28 -17.25
N LEU A 80 -20.51 -7.26 -16.37
CA LEU A 80 -21.62 -7.77 -15.56
C LEU A 80 -21.92 -6.84 -14.39
N ALA A 81 -20.91 -6.08 -13.93
CA ALA A 81 -21.12 -5.21 -12.78
C ALA A 81 -22.12 -4.10 -13.08
N GLN A 82 -22.10 -3.55 -14.29
CA GLN A 82 -23.05 -2.50 -14.65
C GLN A 82 -24.48 -3.01 -14.76
N MET A 83 -24.70 -4.32 -14.74
CA MET A 83 -26.03 -4.89 -14.82
C MET A 83 -26.77 -4.84 -13.49
N TYR A 84 -26.08 -4.64 -12.38
CA TYR A 84 -26.72 -4.51 -11.08
C TYR A 84 -26.84 -3.03 -10.74
N PRO A 85 -28.05 -2.45 -10.78
CA PRO A 85 -28.19 -1.02 -10.47
C PRO A 85 -27.94 -0.75 -9.00
N LEU A 86 -27.21 0.33 -8.72
CA LEU A 86 -26.96 0.70 -7.33
C LEU A 86 -28.18 1.34 -6.70
N GLN A 87 -29.19 1.65 -7.50
CA GLN A 87 -30.37 2.34 -6.97
C GLN A 87 -31.18 1.45 -6.03
N GLU A 88 -31.22 0.16 -6.30
CA GLU A 88 -32.04 -0.78 -5.53
C GLU A 88 -31.26 -1.46 -4.42
N ILE A 89 -29.98 -1.10 -4.23
CA ILE A 89 -29.12 -1.72 -3.24
C ILE A 89 -29.17 -0.90 -1.97
N GLN A 90 -29.75 -1.48 -0.91
CA GLN A 90 -29.82 -0.84 0.40
C GLN A 90 -28.53 -0.97 1.20
N ASN A 91 -27.88 -2.13 1.17
CA ASN A 91 -26.69 -2.36 1.97
C ASN A 91 -25.55 -1.49 1.48
N LEU A 92 -24.82 -0.89 2.42
CA LEU A 92 -23.78 0.07 2.05
C LEU A 92 -22.51 -0.61 1.57
N THR A 93 -22.10 -1.68 2.25
CA THR A 93 -20.82 -2.32 1.93
C THR A 93 -20.80 -2.89 0.51
N VAL A 94 -21.92 -3.47 0.07
CA VAL A 94 -22.00 -3.94 -1.32
C VAL A 94 -21.96 -2.77 -2.28
N LYS A 95 -22.60 -1.66 -1.92
CA LYS A 95 -22.62 -0.49 -2.78
C LYS A 95 -21.22 0.12 -2.91
N LEU A 96 -20.41 0.04 -1.85
CA LEU A 96 -19.06 0.57 -1.90
C LEU A 96 -18.16 -0.28 -2.79
N GLN A 97 -18.39 -1.59 -2.80
CA GLN A 97 -17.57 -2.49 -3.60
C GLN A 97 -17.86 -2.33 -5.08
N LEU A 98 -19.14 -2.31 -5.45
CA LEU A 98 -19.50 -2.19 -6.87
C LEU A 98 -19.10 -0.84 -7.43
N GLN A 99 -19.18 0.22 -6.60
CA GLN A 99 -18.83 1.55 -7.08
C GLN A 99 -17.41 1.60 -7.62
N ALA A 100 -16.50 0.84 -7.02
CA ALA A 100 -15.14 0.77 -7.54
C ALA A 100 -15.06 -0.15 -8.75
N LEU A 101 -15.87 -1.20 -8.77
CA LEU A 101 -15.82 -2.16 -9.86
C LEU A 101 -16.58 -1.67 -11.09
N GLN A 102 -17.72 -1.00 -10.88
CA GLN A 102 -18.58 -0.64 -12.02
C GLN A 102 -17.97 0.40 -12.93
N GLN A 103 -16.99 1.17 -12.44
CA GLN A 103 -16.36 2.16 -13.32
C GLN A 103 -15.53 1.44 -14.37
N ASN A 104 -15.79 1.74 -15.64
CA ASN A 104 -15.17 0.99 -16.72
C ASN A 104 -13.89 1.65 -17.21
N GLY A 105 -13.51 2.77 -16.62
CA GLY A 105 -12.25 3.41 -16.93
C GLY A 105 -12.08 3.84 -18.37
N SER A 106 -10.98 3.41 -19.00
CA SER A 106 -10.69 3.85 -20.37
C SER A 106 -11.43 3.01 -21.40
N SER A 107 -12.03 1.90 -20.98
CA SER A 107 -12.74 1.04 -21.93
C SER A 107 -13.96 1.72 -22.56
N VAL A 108 -14.47 2.79 -21.95
CA VAL A 108 -15.62 3.50 -22.51
C VAL A 108 -15.28 4.21 -23.81
N LEU A 109 -14.03 4.61 -24.01
CA LEU A 109 -13.62 5.29 -25.22
C LEU A 109 -13.68 4.35 -26.41
N SER A 110 -13.74 4.93 -27.61
CA SER A 110 -13.81 4.13 -28.83
C SER A 110 -12.54 3.33 -29.01
N GLU A 111 -12.65 2.22 -29.76
CA GLU A 111 -11.53 1.30 -29.92
C GLU A 111 -10.38 1.96 -30.67
N ASP A 112 -10.69 2.89 -31.58
CA ASP A 112 -9.64 3.53 -32.36
C ASP A 112 -8.76 4.43 -31.49
N LYS A 113 -9.39 5.20 -30.60
CA LYS A 113 -8.61 6.03 -29.68
C LYS A 113 -8.04 5.20 -28.54
N SER A 114 -8.54 3.97 -28.35
CA SER A 114 -8.03 3.11 -27.30
C SER A 114 -6.56 2.79 -27.52
N LYS A 115 -6.19 2.42 -28.74
CA LYS A 115 -4.79 2.17 -29.06
C LYS A 115 -3.98 3.46 -28.99
N ARG A 116 -4.62 4.59 -29.28
CA ARG A 116 -3.92 5.87 -29.26
C ARG A 116 -3.52 6.27 -27.85
N LEU A 117 -4.38 5.98 -26.88
CA LEU A 117 -4.10 6.39 -25.50
C LEU A 117 -2.95 5.61 -24.91
N ASN A 118 -3.01 4.28 -24.96
CA ASN A 118 -1.97 3.45 -24.37
C ASN A 118 -0.62 3.66 -25.04
N THR A 119 -0.63 3.90 -26.35
CA THR A 119 0.63 4.16 -27.06
C THR A 119 1.26 5.47 -26.57
N ILE A 120 0.45 6.51 -26.43
CA ILE A 120 0.96 7.80 -25.96
C ILE A 120 1.45 7.69 -24.52
N LEU A 121 0.73 6.90 -23.71
CA LEU A 121 1.19 6.66 -22.35
C LEU A 121 2.55 6.00 -22.33
N ASN A 122 2.77 5.02 -23.21
CA ASN A 122 4.05 4.34 -23.27
C ASN A 122 5.09 5.18 -24.00
N THR A 123 4.66 6.03 -24.92
CA THR A 123 5.59 6.87 -25.67
C THR A 123 6.27 7.88 -24.76
N MET A 124 5.47 8.63 -23.99
CA MET A 124 6.04 9.63 -23.09
C MET A 124 6.87 8.96 -21.99
N SER A 125 6.49 7.74 -21.58
CA SER A 125 7.24 7.03 -20.56
C SER A 125 8.66 6.71 -21.05
N THR A 126 8.79 6.21 -22.28
CA THR A 126 10.10 5.92 -22.83
C THR A 126 10.92 7.19 -23.04
N ILE A 127 10.26 8.30 -23.36
CA ILE A 127 10.98 9.56 -23.53
C ILE A 127 11.59 10.00 -22.20
N TYR A 128 10.87 9.78 -21.11
CA TYR A 128 11.38 10.14 -19.79
C TYR A 128 12.54 9.23 -19.39
N SER A 129 12.40 7.93 -19.64
CA SER A 129 13.44 6.97 -19.27
C SER A 129 14.70 7.11 -20.13
N THR A 130 14.55 7.19 -21.45
CA THR A 130 15.68 7.29 -22.35
C THR A 130 16.16 8.72 -22.56
N GLY A 131 15.53 9.70 -21.91
CA GLY A 131 15.93 11.07 -22.09
C GLY A 131 17.31 11.35 -21.51
N LYS A 132 18.11 12.10 -22.25
CA LYS A 132 19.46 12.46 -21.83
C LYS A 132 19.78 13.87 -22.29
N VAL A 133 20.82 14.43 -21.70
CA VAL A 133 21.30 15.77 -22.05
C VAL A 133 22.65 15.64 -22.74
N CYS A 134 22.92 16.56 -23.65
CA CYS A 134 24.14 16.53 -24.45
C CYS A 134 24.73 17.93 -24.55
N ASN A 135 26.02 18.04 -24.25
CA ASN A 135 26.68 19.34 -24.31
C ASN A 135 27.06 19.69 -25.75
N PRO A 136 27.02 20.97 -26.11
CA PRO A 136 27.41 21.37 -27.47
C PRO A 136 28.90 21.20 -27.74
N ASP A 137 29.70 21.18 -26.67
CA ASP A 137 31.14 21.03 -26.79
C ASP A 137 31.58 19.70 -27.36
N ASN A 138 31.14 18.57 -26.78
CA ASN A 138 31.48 17.25 -27.29
C ASN A 138 30.20 16.45 -27.46
N PRO A 139 29.55 16.56 -28.62
CA PRO A 139 28.24 15.90 -28.80
C PRO A 139 28.26 14.39 -28.64
N GLN A 140 29.40 13.73 -28.86
CA GLN A 140 29.49 12.29 -28.79
C GLN A 140 29.26 11.73 -27.39
N GLU A 141 29.50 12.52 -26.34
CA GLU A 141 29.28 12.08 -24.97
C GLU A 141 28.04 12.80 -24.42
N CYS A 142 27.20 12.05 -23.72
CA CYS A 142 25.96 12.56 -23.16
C CYS A 142 25.70 11.89 -21.81
N LEU A 143 24.81 12.48 -21.03
CA LEU A 143 24.48 11.98 -19.71
C LEU A 143 22.97 11.93 -19.52
N LEU A 144 22.51 10.87 -18.85
CA LEU A 144 21.09 10.70 -18.55
C LEU A 144 20.69 11.58 -17.37
N LEU A 145 19.39 11.54 -17.04
CA LEU A 145 18.91 12.22 -15.83
C LEU A 145 19.40 11.50 -14.59
N GLU A 146 19.11 10.21 -14.50
CA GLU A 146 19.55 9.36 -13.40
C GLU A 146 20.63 8.40 -13.85
N PRO A 147 21.78 8.37 -13.14
CA PRO A 147 22.23 9.23 -12.04
C PRO A 147 22.64 10.64 -12.46
N GLY A 148 22.89 10.84 -13.75
CA GLY A 148 23.67 11.96 -14.23
C GLY A 148 23.26 13.35 -13.79
N LEU A 149 22.01 13.73 -14.04
CA LEU A 149 21.58 15.08 -13.67
C LEU A 149 21.27 15.18 -12.18
N ASN A 150 20.77 14.10 -11.57
CA ASN A 150 20.48 14.13 -10.14
C ASN A 150 21.76 14.25 -9.33
N GLU A 151 22.88 13.79 -9.89
CA GLU A 151 24.16 13.98 -9.21
C GLU A 151 24.66 15.41 -9.40
N ILE A 152 24.43 15.98 -10.59
CA ILE A 152 24.90 17.34 -10.86
C ILE A 152 24.08 18.36 -10.06
N MET A 153 22.76 18.20 -10.07
CA MET A 153 21.90 19.16 -9.39
C MET A 153 22.12 19.17 -7.87
N ALA A 154 22.31 18.00 -7.26
CA ALA A 154 22.50 17.92 -5.82
C ALA A 154 23.92 18.29 -5.37
N ASN A 155 24.95 17.77 -6.03
CA ASN A 155 26.32 17.87 -5.54
C ASN A 155 27.09 19.08 -6.03
N SER A 156 26.57 19.85 -6.99
CA SER A 156 27.35 20.95 -7.54
C SER A 156 26.90 22.28 -6.96
N LEU A 157 27.88 23.09 -6.57
CA LEU A 157 27.65 24.43 -6.08
C LEU A 157 27.82 25.51 -7.15
N ASP A 158 28.20 25.12 -8.37
CA ASP A 158 28.47 26.07 -9.42
C ASP A 158 27.17 26.63 -9.99
N TYR A 159 27.16 27.92 -10.33
CA TYR A 159 25.96 28.53 -10.88
C TYR A 159 25.70 28.04 -12.31
N ASN A 160 26.73 28.08 -13.15
CA ASN A 160 26.56 27.66 -14.55
C ASN A 160 26.28 26.18 -14.68
N GLU A 161 26.97 25.34 -13.91
CA GLU A 161 26.79 23.90 -14.02
C GLU A 161 25.38 23.49 -13.63
N ARG A 162 24.85 24.09 -12.55
CA ARG A 162 23.48 23.81 -12.16
C ARG A 162 22.49 24.34 -13.19
N LEU A 163 22.77 25.52 -13.74
CA LEU A 163 21.88 26.10 -14.76
C LEU A 163 21.94 25.29 -16.04
N TRP A 164 23.12 24.77 -16.40
CA TRP A 164 23.23 23.96 -17.60
C TRP A 164 22.39 22.69 -17.50
N ALA A 165 22.40 22.04 -16.34
CA ALA A 165 21.62 20.83 -16.17
C ALA A 165 20.13 21.15 -16.11
N TRP A 166 19.78 22.35 -15.63
CA TRP A 166 18.38 22.70 -15.48
C TRP A 166 17.73 22.97 -16.82
N GLU A 167 18.41 23.71 -17.70
CA GLU A 167 17.82 24.09 -18.97
C GLU A 167 17.90 22.94 -19.98
N SER A 168 19.03 22.23 -20.03
CA SER A 168 19.23 21.22 -21.06
C SER A 168 18.24 20.07 -20.93
N TRP A 169 17.74 19.81 -19.73
CA TRP A 169 16.76 18.73 -19.55
C TRP A 169 15.38 19.15 -20.01
N ARG A 170 14.98 20.38 -19.68
CA ARG A 170 13.67 20.88 -20.09
C ARG A 170 13.65 21.31 -21.54
N SER A 171 14.79 21.73 -22.09
CA SER A 171 14.85 22.14 -23.49
C SER A 171 14.80 20.95 -24.44
N GLU A 172 15.59 19.91 -24.19
CA GLU A 172 15.62 18.74 -25.05
C GLU A 172 14.36 17.89 -24.92
N VAL A 173 13.98 17.53 -23.70
CA VAL A 173 12.84 16.66 -23.46
C VAL A 173 11.52 17.40 -23.60
N GLY A 174 11.49 18.69 -23.25
CA GLY A 174 10.24 19.42 -23.28
C GLY A 174 9.69 19.61 -24.68
N LYS A 175 10.57 19.65 -25.68
CA LYS A 175 10.10 19.81 -27.05
C LYS A 175 9.35 18.57 -27.55
N GLN A 176 9.76 17.39 -27.08
CA GLN A 176 9.13 16.17 -27.55
C GLN A 176 7.80 15.91 -26.88
N LEU A 177 7.69 16.15 -25.57
CA LEU A 177 6.51 15.76 -24.82
C LEU A 177 5.33 16.70 -25.01
N ARG A 178 5.58 17.99 -25.31
CA ARG A 178 4.48 18.94 -25.40
C ARG A 178 3.46 18.59 -26.47
N PRO A 179 3.84 18.33 -27.72
CA PRO A 179 2.80 17.97 -28.71
C PRO A 179 2.10 16.67 -28.37
N LEU A 180 2.76 15.77 -27.65
CA LEU A 180 2.11 14.55 -27.18
C LEU A 180 1.24 14.83 -25.97
N TYR A 181 1.63 15.82 -25.16
CA TYR A 181 0.87 16.13 -23.95
C TYR A 181 -0.45 16.82 -24.29
N GLU A 182 -0.47 17.59 -25.38
CA GLU A 182 -1.71 18.25 -25.77
C GLU A 182 -2.76 17.23 -26.19
N GLU A 183 -2.36 16.22 -26.98
CA GLU A 183 -3.27 15.14 -27.31
C GLU A 183 -3.58 14.28 -26.10
N TYR A 184 -2.66 14.22 -25.14
CA TYR A 184 -2.91 13.52 -23.89
C TYR A 184 -4.07 14.16 -23.12
N VAL A 185 -4.23 15.48 -23.25
CA VAL A 185 -5.31 16.17 -22.56
C VAL A 185 -6.65 15.90 -23.24
N VAL A 186 -6.65 15.82 -24.57
CA VAL A 186 -7.90 15.67 -25.31
C VAL A 186 -8.54 14.32 -25.03
N LEU A 187 -7.73 13.26 -24.99
CA LEU A 187 -8.29 11.92 -24.80
C LEU A 187 -8.85 11.75 -23.40
N LYS A 188 -8.18 12.29 -22.38
CA LYS A 188 -8.60 12.05 -21.01
C LYS A 188 -9.84 12.88 -20.67
N ASN A 189 -10.15 13.89 -21.47
CA ASN A 189 -11.31 14.72 -21.20
C ASN A 189 -12.61 14.02 -21.58
N GLU A 190 -12.67 13.42 -22.76
CA GLU A 190 -13.90 12.77 -23.20
C GLU A 190 -14.19 11.53 -22.37
N MET A 191 -13.16 10.97 -21.74
CA MET A 191 -13.38 9.81 -20.89
C MET A 191 -14.19 10.20 -19.65
N ALA A 192 -13.96 11.41 -19.15
CA ALA A 192 -14.68 11.87 -17.96
C ALA A 192 -16.14 12.19 -18.28
N ARG A 193 -16.39 12.83 -19.42
CA ARG A 193 -17.75 13.19 -19.78
C ARG A 193 -18.59 11.95 -20.09
N ALA A 194 -17.94 10.89 -20.59
CA ALA A 194 -18.65 9.62 -20.75
C ALA A 194 -18.93 8.97 -19.41
N ASN A 195 -18.12 9.29 -18.39
CA ASN A 195 -18.36 8.85 -17.02
C ASN A 195 -19.19 9.85 -16.23
N HIS A 196 -19.67 10.91 -16.88
CA HIS A 196 -20.50 11.94 -16.25
C HIS A 196 -19.75 12.73 -15.19
N TYR A 197 -18.49 13.04 -15.45
CA TYR A 197 -17.70 13.94 -14.63
C TYR A 197 -17.51 15.27 -15.34
N GLU A 198 -17.47 16.36 -14.56
CA GLU A 198 -17.34 17.69 -15.13
C GLU A 198 -16.05 17.86 -15.92
N ASP A 199 -14.97 17.21 -15.51
CA ASP A 199 -13.72 17.19 -16.26
C ASP A 199 -12.93 15.99 -15.80
N TYR A 200 -11.74 15.80 -16.39
CA TYR A 200 -10.89 14.70 -15.95
C TYR A 200 -10.28 15.00 -14.59
N GLY A 201 -10.09 16.27 -14.25
CA GLY A 201 -9.61 16.61 -12.93
C GLY A 201 -10.58 16.21 -11.84
N ASP A 202 -11.88 16.15 -12.18
CA ASP A 202 -12.88 15.69 -11.22
C ASP A 202 -12.73 14.19 -10.95
N TYR A 203 -12.11 13.47 -11.89
CA TYR A 203 -11.96 12.03 -11.72
C TYR A 203 -10.97 11.72 -10.60
N TRP A 204 -9.88 12.48 -10.52
CA TRP A 204 -8.92 12.28 -9.44
C TRP A 204 -9.49 12.74 -8.11
N ARG A 205 -10.25 13.83 -8.11
CA ARG A 205 -10.89 14.29 -6.88
C ARG A 205 -12.05 13.40 -6.46
N GLY A 206 -12.46 12.46 -7.31
CA GLY A 206 -13.56 11.58 -6.95
C GLY A 206 -13.16 10.49 -5.97
N ASP A 207 -11.87 10.35 -5.71
CA ASP A 207 -11.42 9.33 -4.77
C ASP A 207 -11.80 9.68 -3.34
N TYR A 208 -11.87 10.97 -3.02
CA TYR A 208 -12.29 11.41 -1.69
C TYR A 208 -13.80 11.56 -1.58
N GLU A 209 -14.55 11.31 -2.65
CA GLU A 209 -16.00 11.47 -2.61
C GLU A 209 -16.62 10.49 -1.62
N VAL A 210 -17.61 10.97 -0.87
CA VAL A 210 -18.29 10.18 0.13
C VAL A 210 -19.80 10.34 -0.05
N ASN A 211 -20.49 9.23 -0.28
CA ASN A 211 -21.93 9.23 -0.37
C ASN A 211 -22.48 7.94 0.25
N GLY A 212 -23.69 8.04 0.81
CA GLY A 212 -24.31 6.90 1.45
C GLY A 212 -24.28 6.93 2.96
N VAL A 213 -23.68 7.97 3.54
CA VAL A 213 -23.59 8.12 4.99
C VAL A 213 -24.05 9.54 5.31
N ASP A 214 -25.09 9.67 6.13
CA ASP A 214 -25.65 10.98 6.42
C ASP A 214 -24.73 11.78 7.34
N GLY A 215 -24.39 13.00 6.90
CA GLY A 215 -23.55 13.89 7.65
C GLY A 215 -22.06 13.75 7.39
N TYR A 216 -21.61 12.60 6.89
CA TYR A 216 -20.23 12.44 6.50
C TYR A 216 -19.98 12.65 5.00
N ASP A 217 -21.00 13.01 4.22
CA ASP A 217 -20.80 13.20 2.79
C ASP A 217 -19.75 14.28 2.54
N TYR A 218 -18.75 13.90 1.75
CA TYR A 218 -17.66 14.82 1.41
C TYR A 218 -17.67 14.98 -0.10
N SER A 219 -18.05 16.16 -0.57
CA SER A 219 -18.28 16.35 -2.00
C SER A 219 -16.95 16.49 -2.75
N ARG A 220 -17.01 16.20 -4.05
CA ARG A 220 -15.82 16.31 -4.89
C ARG A 220 -15.32 17.74 -4.94
N GLY A 221 -16.24 18.71 -4.92
CA GLY A 221 -15.85 20.11 -4.90
C GLY A 221 -15.41 20.60 -3.54
N GLN A 222 -15.72 19.86 -2.47
CA GLN A 222 -15.28 20.24 -1.15
C GLN A 222 -13.75 20.17 -1.02
N LEU A 223 -13.12 19.30 -1.82
CA LEU A 223 -11.68 19.13 -1.72
C LEU A 223 -10.95 20.39 -2.16
N ILE A 224 -11.44 21.04 -3.22
CA ILE A 224 -10.78 22.26 -3.71
C ILE A 224 -10.85 23.35 -2.66
N GLU A 225 -12.04 23.57 -2.09
CA GLU A 225 -12.19 24.63 -1.08
C GLU A 225 -11.38 24.32 0.17
N ASP A 226 -11.27 23.05 0.54
CA ASP A 226 -10.51 22.70 1.73
C ASP A 226 -9.01 22.88 1.53
N VAL A 227 -8.47 22.33 0.44
CA VAL A 227 -7.03 22.42 0.21
C VAL A 227 -6.59 23.87 0.11
N GLU A 228 -7.41 24.71 -0.55
CA GLU A 228 -7.09 26.13 -0.64
C GLU A 228 -7.07 26.77 0.75
N HIS A 229 -7.97 26.37 1.64
CA HIS A 229 -8.01 26.96 2.97
CA HIS A 229 -8.01 26.96 2.97
C HIS A 229 -6.87 26.45 3.84
N THR A 230 -6.50 25.17 3.67
CA THR A 230 -5.43 24.61 4.49
C THR A 230 -4.08 25.23 4.15
N PHE A 231 -3.85 25.57 2.88
CA PHE A 231 -2.55 26.09 2.48
C PHE A 231 -2.38 27.54 2.95
N GLU A 232 -3.49 28.24 3.22
CA GLU A 232 -3.39 29.63 3.65
C GLU A 232 -2.73 29.76 5.01
N GLU A 233 -3.00 28.82 5.93
CA GLU A 233 -2.36 28.89 7.23
C GLU A 233 -0.94 28.36 7.21
N ILE A 234 -0.55 27.65 6.15
CA ILE A 234 0.84 27.22 6.02
C ILE A 234 1.73 28.37 5.53
N LYS A 235 1.16 29.33 4.80
CA LYS A 235 1.94 30.43 4.28
C LYS A 235 2.76 31.18 5.33
N PRO A 236 2.23 31.50 6.52
CA PRO A 236 3.11 32.15 7.52
C PRO A 236 4.35 31.34 7.83
N LEU A 237 4.23 30.03 8.00
CA LEU A 237 5.41 29.20 8.24
C LEU A 237 6.33 29.19 7.02
N TYR A 238 5.75 29.12 5.83
CA TYR A 238 6.57 28.93 4.64
C TYR A 238 7.25 30.23 4.22
N GLU A 239 6.57 31.37 4.37
CA GLU A 239 7.19 32.63 3.98
C GLU A 239 8.46 32.91 4.78
N HIS A 240 8.47 32.50 6.06
CA HIS A 240 9.69 32.64 6.84
C HIS A 240 10.70 31.54 6.50
N LEU A 241 10.21 30.33 6.25
CA LEU A 241 11.12 29.25 5.85
C LEU A 241 11.75 29.55 4.51
N HIS A 242 11.01 30.22 3.62
CA HIS A 242 11.59 30.64 2.35
C HIS A 242 12.50 31.84 2.53
N ALA A 243 12.19 32.71 3.50
CA ALA A 243 13.04 33.87 3.75
C ALA A 243 14.38 33.45 4.34
N TYR A 244 14.40 32.34 5.08
CA TYR A 244 15.66 31.89 5.66
C TYR A 244 16.55 31.22 4.62
N VAL A 245 15.97 30.36 3.77
CA VAL A 245 16.75 29.71 2.73
C VAL A 245 17.31 30.75 1.76
N ARG A 246 16.54 31.80 1.47
CA ARG A 246 17.02 32.85 0.59
C ARG A 246 18.16 33.62 1.22
N ALA A 247 18.13 33.78 2.54
CA ALA A 247 19.20 34.52 3.22
C ALA A 247 20.51 33.74 3.21
N LYS A 248 20.43 32.42 3.36
CA LYS A 248 21.65 31.62 3.39
C LYS A 248 22.30 31.54 2.02
N LEU A 249 21.50 31.29 0.98
CA LEU A 249 22.06 31.19 -0.36
C LEU A 249 22.50 32.54 -0.91
N MET A 250 22.00 33.64 -0.32
CA MET A 250 22.39 34.97 -0.78
C MET A 250 23.86 35.24 -0.46
N ASN A 251 24.31 34.85 0.73
CA ASN A 251 25.69 35.10 1.12
C ASN A 251 26.66 34.28 0.28
N ALA A 252 26.25 33.09 -0.16
CA ALA A 252 27.08 32.27 -1.04
C ALA A 252 27.00 32.67 -2.50
N TYR A 253 25.98 33.45 -2.87
CA TYR A 253 25.78 33.88 -4.26
C TYR A 253 25.31 35.33 -4.27
N PRO A 254 26.19 36.27 -3.95
CA PRO A 254 25.75 37.67 -3.81
C PRO A 254 25.23 38.30 -5.11
N SER A 255 25.90 38.04 -6.23
CA SER A 255 25.51 38.63 -7.51
C SER A 255 24.34 37.91 -8.17
N TYR A 256 24.18 36.61 -7.94
CA TYR A 256 23.19 35.83 -8.65
C TYR A 256 21.86 35.68 -7.93
N ILE A 257 21.70 36.23 -6.72
CA ILE A 257 20.47 36.12 -5.95
C ILE A 257 20.12 37.48 -5.38
N SER A 258 18.92 37.96 -5.69
CA SER A 258 18.46 39.23 -5.14
C SER A 258 17.85 39.00 -3.76
N PRO A 259 18.09 39.92 -2.80
CA PRO A 259 17.52 39.75 -1.46
C PRO A 259 16.01 39.80 -1.42
N ILE A 260 15.37 40.68 -2.19
CA ILE A 260 13.93 40.83 -2.19
C ILE A 260 13.25 40.01 -3.27
N GLY A 261 14.01 39.25 -4.07
CA GLY A 261 13.46 38.50 -5.17
C GLY A 261 13.29 37.02 -4.86
N CYS A 262 12.63 36.33 -5.78
CA CYS A 262 12.39 34.90 -5.65
C CYS A 262 13.68 34.12 -5.91
N LEU A 263 13.71 32.90 -5.40
CA LEU A 263 14.89 32.04 -5.56
C LEU A 263 14.99 31.55 -7.01
N PRO A 264 16.20 31.47 -7.56
CA PRO A 264 16.36 30.82 -8.87
C PRO A 264 15.97 29.35 -8.79
N ALA A 265 15.51 28.81 -9.91
CA ALA A 265 14.99 27.45 -9.92
C ALA A 265 16.07 26.41 -9.70
N HIS A 266 17.19 26.53 -10.40
CA HIS A 266 18.23 25.51 -10.34
C HIS A 266 19.00 25.50 -9.04
N LEU A 267 18.82 26.50 -8.17
CA LEU A 267 19.52 26.60 -6.89
C LEU A 267 18.73 25.97 -5.75
N LEU A 268 17.60 25.34 -6.07
CA LEU A 268 16.70 24.80 -5.06
C LEU A 268 17.14 23.44 -4.52
N GLY A 269 18.24 22.89 -5.01
CA GLY A 269 18.77 21.64 -4.51
C GLY A 269 18.53 20.44 -5.41
N ASP A 270 17.58 20.53 -6.33
CA ASP A 270 17.35 19.48 -7.30
C ASP A 270 16.72 20.11 -8.55
N MET A 271 16.29 19.27 -9.48
CA MET A 271 15.81 19.79 -10.76
C MET A 271 14.54 20.61 -10.63
N TRP A 272 13.48 20.05 -10.04
CA TRP A 272 12.18 20.73 -10.01
C TRP A 272 11.91 21.50 -8.74
N GLY A 273 12.80 21.51 -7.76
CA GLY A 273 12.52 22.18 -6.51
C GLY A 273 11.56 21.42 -5.62
N ARG A 274 11.41 20.11 -5.83
CA ARG A 274 10.47 19.33 -5.02
C ARG A 274 10.98 19.16 -3.59
N PHE A 275 12.19 18.67 -3.42
CA PHE A 275 12.78 18.47 -2.10
C PHE A 275 13.94 19.43 -1.91
N TRP A 276 13.92 20.14 -0.77
CA TRP A 276 14.98 21.07 -0.41
C TRP A 276 16.03 20.44 0.47
N THR A 277 15.93 19.13 0.74
CA THR A 277 16.86 18.44 1.62
C THR A 277 18.32 18.66 1.20
N ASN A 278 18.56 18.75 -0.11
CA ASN A 278 19.91 18.98 -0.62
C ASN A 278 20.51 20.30 -0.17
N LEU A 279 19.68 21.29 0.18
CA LEU A 279 20.18 22.58 0.62
C LEU A 279 20.50 22.65 2.10
N TYR A 280 20.34 21.54 2.83
CA TYR A 280 20.59 21.57 4.28
C TYR A 280 22.06 21.86 4.57
N SER A 281 22.95 21.56 3.63
CA SER A 281 24.38 21.76 3.86
C SER A 281 24.69 23.23 4.14
N LEU A 282 24.30 24.12 3.22
CA LEU A 282 24.53 25.55 3.41
C LEU A 282 23.55 26.20 4.37
N THR A 283 22.35 25.64 4.53
CA THR A 283 21.31 26.23 5.36
C THR A 283 21.30 25.69 6.79
N VAL A 284 22.24 24.83 7.16
CA VAL A 284 22.28 24.24 8.50
C VAL A 284 22.35 25.35 9.54
N PRO A 285 21.49 25.32 10.57
CA PRO A 285 21.46 26.42 11.55
C PRO A 285 22.77 26.61 12.29
N PHE A 286 23.37 25.51 12.75
CA PHE A 286 24.59 25.56 13.56
C PHE A 286 25.58 24.56 12.99
N GLY A 287 26.73 25.06 12.54
CA GLY A 287 27.77 24.22 11.98
C GLY A 287 28.65 23.52 12.99
N GLN A 288 28.89 24.12 14.16
CA GLN A 288 29.75 23.53 15.16
C GLN A 288 29.06 22.48 16.01
N LYS A 289 27.73 22.43 16.02
CA LYS A 289 27.05 21.42 16.80
C LYS A 289 26.97 20.10 16.01
N PRO A 290 27.28 18.99 16.65
CA PRO A 290 27.26 17.71 15.92
C PRO A 290 25.83 17.31 15.57
N ASN A 291 25.65 16.88 14.32
CA ASN A 291 24.38 16.35 13.86
C ASN A 291 24.21 14.94 14.38
N ILE A 292 22.96 14.50 14.52
CA ILE A 292 22.69 13.14 14.97
C ILE A 292 22.89 12.19 13.80
N ASP A 293 23.81 11.26 13.94
CA ASP A 293 24.12 10.30 12.89
C ASP A 293 24.30 8.93 13.54
N VAL A 294 23.54 7.95 13.09
CA VAL A 294 23.60 6.60 13.64
C VAL A 294 24.52 5.72 12.81
N THR A 295 25.12 6.30 11.76
CA THR A 295 25.91 5.50 10.84
C THR A 295 27.15 4.91 11.50
N ASP A 296 27.97 5.76 12.12
CA ASP A 296 29.21 5.27 12.71
C ASP A 296 28.94 4.37 13.91
N ALA A 297 27.73 4.42 14.46
CA ALA A 297 27.37 3.52 15.54
C ALA A 297 27.03 2.13 15.02
N MET A 298 26.45 2.05 13.81
CA MET A 298 26.07 0.76 13.27
C MET A 298 27.27 0.01 12.70
N VAL A 299 28.32 0.75 12.32
CA VAL A 299 29.49 0.10 11.71
C VAL A 299 30.28 -0.67 12.77
N ASP A 300 30.51 -0.06 13.92
CA ASP A 300 31.29 -0.73 14.96
C ASP A 300 30.54 -1.92 15.54
N GLN A 301 29.20 -1.89 15.49
CA GLN A 301 28.40 -3.03 15.89
C GLN A 301 28.20 -4.03 14.76
N ALA A 302 28.54 -3.66 13.53
CA ALA A 302 28.51 -4.56 12.38
C ALA A 302 27.13 -5.16 12.16
N TRP A 303 26.10 -4.32 12.15
CA TRP A 303 24.78 -4.79 11.82
C TRP A 303 24.66 -5.05 10.33
N ASP A 304 23.71 -5.89 9.96
CA ASP A 304 23.40 -6.20 8.57
C ASP A 304 21.90 -6.03 8.35
N ALA A 305 21.45 -6.39 7.14
CA ALA A 305 20.02 -6.24 6.82
C ALA A 305 19.16 -7.09 7.74
N GLN A 306 19.73 -8.15 8.31
CA GLN A 306 18.96 -9.03 9.19
C GLN A 306 18.52 -8.30 10.45
N ARG A 307 19.47 -7.70 11.17
CA ARG A 307 19.16 -7.13 12.48
C ARG A 307 18.39 -5.82 12.36
N ILE A 308 18.53 -5.12 11.23
CA ILE A 308 17.89 -3.82 11.07
C ILE A 308 16.38 -3.95 11.19
N PHE A 309 15.79 -4.87 10.41
CA PHE A 309 14.35 -5.07 10.49
C PHE A 309 13.95 -5.71 11.82
N LYS A 310 14.81 -6.54 12.41
CA LYS A 310 14.55 -7.06 13.75
C LYS A 310 14.39 -5.91 14.75
N GLU A 311 15.22 -4.88 14.62
CA GLU A 311 15.03 -3.70 15.45
C GLU A 311 13.78 -2.93 15.02
N ALA A 312 13.43 -3.01 13.74
CA ALA A 312 12.22 -2.36 13.26
C ALA A 312 10.99 -3.15 13.66
N GLU A 313 11.07 -4.48 13.54
CA GLU A 313 9.95 -5.33 13.96
C GLU A 313 9.73 -5.23 15.47
N LYS A 314 10.82 -5.08 16.22
CA LYS A 314 10.70 -4.92 17.67
C LYS A 314 9.97 -3.64 18.02
N PHE A 315 9.99 -2.65 17.12
CA PHE A 315 9.28 -1.40 17.36
C PHE A 315 7.78 -1.62 17.33
N PHE A 316 7.29 -2.37 16.34
CA PHE A 316 5.85 -2.59 16.23
C PHE A 316 5.34 -3.56 17.28
N VAL A 317 6.24 -4.33 17.89
CA VAL A 317 5.84 -5.18 19.01
C VAL A 317 5.53 -4.33 20.23
N SER A 318 6.25 -3.21 20.40
CA SER A 318 6.04 -2.35 21.56
C SER A 318 4.69 -1.63 21.51
N VAL A 319 4.13 -1.42 20.32
CA VAL A 319 2.84 -0.77 20.19
C VAL A 319 1.69 -1.76 20.11
N GLY A 320 1.98 -3.06 20.13
CA GLY A 320 0.95 -4.08 20.13
C GLY A 320 0.60 -4.64 18.76
N LEU A 321 1.06 -4.03 17.68
CA LEU A 321 0.77 -4.50 16.34
C LEU A 321 1.37 -5.88 16.12
N PRO A 322 0.78 -6.68 15.22
CA PRO A 322 1.30 -8.03 15.01
C PRO A 322 2.68 -8.03 14.38
N ASN A 323 3.35 -9.17 14.49
CA ASN A 323 4.72 -9.31 14.02
C ASN A 323 4.76 -10.00 12.66
N MET A 324 5.97 -10.15 12.14
CA MET A 324 6.16 -10.72 10.80
C MET A 324 5.77 -12.19 10.76
N THR A 325 5.25 -12.60 9.60
CA THR A 325 4.96 -14.01 9.37
C THR A 325 6.26 -14.78 9.13
N GLN A 326 6.19 -16.10 9.32
CA GLN A 326 7.37 -16.93 9.11
C GLN A 326 7.77 -16.93 7.64
N GLY A 327 6.81 -16.78 6.73
CA GLY A 327 7.13 -16.77 5.31
C GLY A 327 7.71 -15.44 4.87
N PHE A 328 7.66 -14.42 5.73
CA PHE A 328 8.21 -13.12 5.39
C PHE A 328 9.72 -13.18 5.20
N TRP A 329 10.43 -13.72 6.18
CA TRP A 329 11.89 -13.69 6.14
C TRP A 329 12.42 -14.65 5.07
N GLU A 330 11.66 -15.69 4.74
CA GLU A 330 12.12 -16.65 3.73
C GLU A 330 11.98 -16.10 2.32
N ASN A 331 10.82 -15.52 1.99
CA ASN A 331 10.50 -15.13 0.63
C ASN A 331 11.04 -13.75 0.24
N SER A 332 11.43 -12.92 1.20
CA SER A 332 11.88 -11.59 0.87
C SER A 332 13.35 -11.59 0.47
N MET A 333 13.70 -10.72 -0.47
CA MET A 333 15.09 -10.46 -0.85
C MET A 333 15.49 -9.14 -0.22
N LEU A 334 16.36 -9.21 0.79
CA LEU A 334 16.71 -8.05 1.59
C LEU A 334 18.00 -7.37 1.16
N THR A 335 18.72 -7.93 0.19
CA THR A 335 20.02 -7.41 -0.23
C THR A 335 20.19 -7.55 -1.73
N ASP A 336 21.19 -6.87 -2.25
CA ASP A 336 21.56 -6.98 -3.66
C ASP A 336 21.87 -8.44 -4.00
N PRO A 337 21.14 -9.06 -4.92
CA PRO A 337 21.39 -10.47 -5.25
C PRO A 337 22.64 -10.67 -6.09
N GLY A 338 23.77 -10.16 -5.62
CA GLY A 338 25.02 -10.36 -6.32
C GLY A 338 25.08 -9.62 -7.65
N ASN A 339 26.21 -9.82 -8.34
CA ASN A 339 26.42 -9.23 -9.65
C ASN A 339 25.88 -10.08 -10.78
N VAL A 340 25.39 -11.28 -10.48
CA VAL A 340 24.88 -12.18 -11.53
C VAL A 340 23.60 -11.61 -12.14
N GLN A 341 22.63 -11.27 -11.29
CA GLN A 341 21.36 -10.75 -11.75
C GLN A 341 21.12 -9.35 -11.21
N LYS A 342 20.65 -8.47 -12.09
CA LYS A 342 20.36 -7.08 -11.75
C LYS A 342 18.94 -6.95 -11.24
N ALA A 343 18.75 -6.07 -10.27
CA ALA A 343 17.44 -5.83 -9.67
C ALA A 343 17.30 -4.36 -9.31
N VAL A 344 16.06 -3.87 -9.41
CA VAL A 344 15.74 -2.48 -9.08
C VAL A 344 15.86 -2.34 -7.57
N CYS A 345 16.66 -1.38 -7.12
CA CYS A 345 16.86 -1.13 -5.71
C CYS A 345 15.93 -0.06 -5.14
N HIS A 346 15.01 0.47 -5.93
CA HIS A 346 14.06 1.44 -5.41
C HIS A 346 13.18 0.77 -4.36
N PRO A 347 13.20 1.23 -3.11
CA PRO A 347 12.43 0.55 -2.05
C PRO A 347 10.94 0.58 -2.35
N THR A 348 10.31 -0.60 -2.26
CA THR A 348 8.87 -0.76 -2.47
C THR A 348 8.36 -1.80 -1.50
N ALA A 349 7.13 -1.62 -1.04
CA ALA A 349 6.44 -2.59 -0.21
C ALA A 349 5.43 -3.33 -1.06
N TRP A 350 5.67 -4.61 -1.32
CA TRP A 350 4.82 -5.40 -2.20
C TRP A 350 3.84 -6.22 -1.37
N ASP A 351 2.55 -5.98 -1.60
CA ASP A 351 1.47 -6.78 -1.03
C ASP A 351 0.92 -7.63 -2.16
N LEU A 352 1.16 -8.93 -2.08
CA LEU A 352 0.75 -9.83 -3.17
C LEU A 352 -0.60 -10.48 -2.92
N GLY A 353 -1.23 -10.20 -1.79
CA GLY A 353 -2.49 -10.84 -1.45
C GLY A 353 -2.28 -12.26 -0.98
N LYS A 354 -3.35 -12.81 -0.40
CA LYS A 354 -3.33 -14.16 0.18
C LYS A 354 -2.20 -14.31 1.20
N GLY A 355 -2.15 -13.37 2.15
CA GLY A 355 -1.21 -13.47 3.25
C GLY A 355 0.25 -13.38 2.88
N ASP A 356 0.56 -12.88 1.68
CA ASP A 356 1.95 -12.71 1.25
C ASP A 356 2.29 -11.23 1.39
N PHE A 357 3.34 -10.93 2.15
CA PHE A 357 3.80 -9.58 2.36
C PHE A 357 5.32 -9.54 2.24
N ARG A 358 5.81 -8.74 1.29
CA ARG A 358 7.22 -8.74 0.96
C ARG A 358 7.73 -7.32 0.85
N ILE A 359 8.99 -7.12 1.26
CA ILE A 359 9.68 -5.85 1.15
C ILE A 359 10.93 -6.05 0.31
N LEU A 360 11.00 -5.34 -0.81
CA LEU A 360 12.13 -5.45 -1.74
C LEU A 360 13.01 -4.22 -1.55
N MET A 361 14.23 -4.44 -1.06
CA MET A 361 15.14 -3.34 -0.80
C MET A 361 16.57 -3.82 -1.00
N CYS A 362 17.42 -2.94 -1.51
CA CYS A 362 18.87 -3.14 -1.47
C CYS A 362 19.36 -2.43 -0.22
N THR A 363 19.81 -3.23 0.75
CA THR A 363 20.05 -2.68 2.08
C THR A 363 21.54 -2.40 2.28
N LYS A 364 21.84 -1.17 2.67
CA LYS A 364 23.18 -0.74 3.05
C LYS A 364 23.13 -0.16 4.46
N VAL A 365 24.30 -0.01 5.07
CA VAL A 365 24.33 0.50 6.42
C VAL A 365 24.50 2.01 6.36
N THR A 366 23.42 2.73 6.71
CA THR A 366 23.35 4.18 6.65
C THR A 366 22.29 4.65 7.63
N MET A 367 22.31 5.95 7.94
CA MET A 367 21.24 6.52 8.73
C MET A 367 19.92 6.54 7.98
N ASP A 368 19.98 6.76 6.66
CA ASP A 368 18.76 6.88 5.88
C ASP A 368 18.04 5.55 5.74
N ASP A 369 18.79 4.48 5.49
CA ASP A 369 18.17 3.16 5.31
C ASP A 369 17.45 2.71 6.57
N PHE A 370 18.01 3.00 7.75
CA PHE A 370 17.33 2.63 8.99
C PHE A 370 16.05 3.44 9.17
N LEU A 371 16.05 4.69 8.71
CA LEU A 371 14.82 5.48 8.76
C LEU A 371 13.87 5.10 7.63
N THR A 372 14.42 4.70 6.49
CA THR A 372 13.57 4.22 5.40
C THR A 372 13.01 2.84 5.73
N ALA A 373 13.72 2.07 6.55
CA ALA A 373 13.29 0.73 6.90
C ALA A 373 11.91 0.74 7.58
N HIS A 374 11.72 1.64 8.54
CA HIS A 374 10.45 1.71 9.25
C HIS A 374 9.32 2.15 8.32
N HIS A 375 9.65 2.91 7.29
CA HIS A 375 8.63 3.33 6.32
C HIS A 375 8.13 2.15 5.51
N GLU A 376 9.04 1.40 4.90
CA GLU A 376 8.63 0.26 4.08
C GLU A 376 7.96 -0.81 4.93
N MET A 377 8.36 -0.94 6.19
CA MET A 377 7.69 -1.87 7.08
C MET A 377 6.34 -1.33 7.53
N GLY A 378 6.14 -0.02 7.46
CA GLY A 378 4.87 0.57 7.85
C GLY A 378 3.72 0.12 6.97
N HIS A 379 3.98 -0.03 5.67
CA HIS A 379 2.94 -0.48 4.76
C HIS A 379 2.53 -1.92 5.06
N ILE A 380 3.50 -2.75 5.45
CA ILE A 380 3.19 -4.15 5.75
C ILE A 380 2.27 -4.24 6.96
N GLN A 381 2.62 -3.56 8.05
CA GLN A 381 1.73 -3.48 9.20
C GLN A 381 0.40 -2.87 8.81
N TYR A 382 0.39 -2.01 7.79
CA TYR A 382 -0.85 -1.40 7.35
C TYR A 382 -1.68 -2.37 6.52
N ASP A 383 -1.03 -3.14 5.65
CA ASP A 383 -1.76 -4.07 4.78
C ASP A 383 -2.22 -5.30 5.55
N MET A 384 -1.49 -5.68 6.59
CA MET A 384 -1.90 -6.85 7.38
C MET A 384 -3.11 -6.53 8.24
N ALA A 385 -3.41 -5.24 8.43
CA ALA A 385 -4.54 -4.87 9.27
C ALA A 385 -5.87 -5.08 8.58
N TYR A 386 -6.00 -4.63 7.33
CA TYR A 386 -7.25 -4.75 6.57
C TYR A 386 -7.26 -6.00 5.70
N ALA A 387 -6.23 -6.84 5.79
CA ALA A 387 -6.17 -8.05 4.97
C ALA A 387 -7.40 -8.93 5.16
N ALA A 388 -8.07 -8.82 6.31
CA ALA A 388 -9.31 -9.56 6.54
C ALA A 388 -10.45 -9.11 5.63
N GLN A 389 -10.37 -7.92 5.06
CA GLN A 389 -11.41 -7.45 4.16
C GLN A 389 -11.30 -8.15 2.81
N PRO A 390 -12.39 -8.21 2.05
CA PRO A 390 -12.32 -8.78 0.69
C PRO A 390 -11.49 -7.90 -0.23
N PHE A 391 -11.09 -8.49 -1.36
CA PHE A 391 -10.10 -7.87 -2.24
C PHE A 391 -10.48 -6.46 -2.64
N LEU A 392 -11.71 -6.26 -3.12
CA LEU A 392 -12.14 -4.92 -3.51
C LEU A 392 -12.08 -3.93 -2.37
N LEU A 393 -12.24 -4.39 -1.13
CA LEU A 393 -12.09 -3.53 0.04
C LEU A 393 -10.66 -3.51 0.56
N ARG A 394 -9.73 -4.18 -0.12
CA ARG A 394 -8.33 -4.15 0.30
C ARG A 394 -7.66 -3.02 -0.47
N ASN A 395 -7.34 -1.96 0.29
CA ASN A 395 -6.79 -0.71 -0.23
C ASN A 395 -6.70 0.25 0.94
N GLY A 396 -6.05 1.38 0.70
CA GLY A 396 -6.09 2.45 1.68
C GLY A 396 -7.48 3.02 1.84
N ALA A 397 -7.77 3.52 3.04
CA ALA A 397 -9.04 4.19 3.27
C ALA A 397 -9.21 5.35 2.30
N ASN A 398 -8.12 6.03 1.98
CA ASN A 398 -8.06 6.96 0.87
C ASN A 398 -6.71 6.78 0.18
N GLU A 399 -6.43 7.63 -0.80
CA GLU A 399 -5.16 7.53 -1.51
C GLU A 399 -4.02 8.11 -0.68
N GLY A 400 -4.33 8.85 0.38
CA GLY A 400 -3.29 9.49 1.17
C GLY A 400 -2.90 8.81 2.46
N PHE A 401 -3.70 7.85 2.95
CA PHE A 401 -3.34 7.18 4.20
C PHE A 401 -2.27 6.12 3.99
N HIS A 402 -2.36 5.37 2.89
CA HIS A 402 -1.48 4.22 2.70
C HIS A 402 -0.01 4.62 2.80
N GLU A 403 0.35 5.74 2.18
CA GLU A 403 1.73 6.21 2.25
C GLU A 403 2.01 6.91 3.58
N ALA A 404 0.99 7.53 4.17
CA ALA A 404 1.20 8.34 5.36
C ALA A 404 1.50 7.48 6.58
N VAL A 405 0.89 6.30 6.66
CA VAL A 405 1.06 5.45 7.83
C VAL A 405 2.54 5.08 8.01
N GLY A 406 3.27 4.97 6.90
CA GLY A 406 4.68 4.62 6.99
C GLY A 406 5.54 5.77 7.50
N GLU A 407 5.08 7.01 7.31
CA GLU A 407 5.88 8.16 7.71
C GLU A 407 5.82 8.40 9.21
N ILE A 408 4.64 8.21 9.82
CA ILE A 408 4.52 8.47 11.26
C ILE A 408 5.41 7.52 12.04
N MET A 409 5.63 6.31 11.52
CA MET A 409 6.51 5.37 12.20
C MET A 409 7.96 5.82 12.08
N SER A 410 8.34 6.38 10.94
CA SER A 410 9.70 6.88 10.76
C SER A 410 9.97 8.09 11.65
N LEU A 411 8.92 8.84 12.00
CA LEU A 411 9.11 10.01 12.86
C LEU A 411 9.63 9.60 14.23
N SER A 412 8.97 8.63 14.86
CA SER A 412 9.42 8.19 16.18
C SER A 412 10.78 7.53 16.10
N ALA A 413 11.12 6.93 14.96
CA ALA A 413 12.41 6.28 14.81
C ALA A 413 13.55 7.27 14.71
N ALA A 414 13.29 8.50 14.27
CA ALA A 414 14.34 9.50 14.16
C ALA A 414 14.51 10.34 15.42
N THR A 415 13.62 10.20 16.39
CA THR A 415 13.72 11.00 17.60
C THR A 415 14.92 10.56 18.43
N PRO A 416 15.53 11.49 19.18
CA PRO A 416 16.68 11.10 20.01
C PRO A 416 16.34 10.07 21.08
N LYS A 417 15.12 10.11 21.61
CA LYS A 417 14.76 9.18 22.69
C LYS A 417 14.78 7.74 22.20
N HIS A 418 14.19 7.48 21.02
CA HIS A 418 14.16 6.12 20.51
C HIS A 418 15.55 5.63 20.14
N LEU A 419 16.44 6.54 19.74
CA LEU A 419 17.79 6.13 19.37
C LEU A 419 18.65 5.87 20.61
N LYS A 420 18.39 6.58 21.70
CA LYS A 420 19.14 6.32 22.92
C LYS A 420 18.67 5.04 23.60
N SER A 421 17.47 4.58 23.26
CA SER A 421 16.94 3.37 23.89
C SER A 421 17.54 2.12 23.26
N ILE A 422 17.67 2.10 21.93
CA ILE A 422 18.14 0.92 21.21
C ILE A 422 19.67 0.85 21.17
N GLY A 423 20.35 1.83 21.74
CA GLY A 423 21.79 1.72 21.90
C GLY A 423 22.62 2.44 20.87
N LEU A 424 22.03 2.91 19.77
CA LEU A 424 22.79 3.59 18.74
C LEU A 424 23.47 4.86 19.21
N LEU A 425 22.71 5.82 19.75
CA LEU A 425 23.26 7.09 20.22
C LEU A 425 23.67 6.93 21.67
N SER A 426 24.78 7.56 22.04
CA SER A 426 25.31 7.43 23.40
C SER A 426 24.29 7.93 24.42
N PRO A 427 24.15 7.25 25.56
CA PRO A 427 23.20 7.73 26.58
C PRO A 427 23.56 9.09 27.16
N ASP A 428 24.82 9.49 27.08
CA ASP A 428 25.28 10.77 27.61
C ASP A 428 25.11 11.91 26.63
N PHE A 429 24.53 11.64 25.46
CA PHE A 429 24.35 12.66 24.43
C PHE A 429 23.66 13.89 25.00
N GLN A 430 24.24 15.06 24.71
CA GLN A 430 23.79 16.33 25.28
C GLN A 430 22.68 16.89 24.39
N GLU A 431 21.63 17.40 25.02
CA GLU A 431 20.52 18.02 24.30
C GLU A 431 20.28 19.43 24.82
N ASP A 432 20.08 20.37 23.89
CA ASP A 432 19.83 21.76 24.26
C ASP A 432 19.06 22.44 23.14
N ASN A 433 18.93 23.76 23.25
CA ASN A 433 18.15 24.55 22.30
C ASN A 433 18.69 24.43 20.88
N GLU A 434 20.01 24.36 20.74
CA GLU A 434 20.61 24.34 19.41
C GLU A 434 20.43 22.98 18.74
N THR A 435 20.11 21.94 19.53
CA THR A 435 19.86 20.64 18.95
C THR A 435 18.46 20.52 18.36
N GLU A 436 17.47 21.10 19.03
CA GLU A 436 16.09 21.02 18.55
C GLU A 436 15.92 21.65 17.17
N ILE A 437 16.46 22.86 16.99
CA ILE A 437 16.29 23.57 15.73
C ILE A 437 16.95 22.81 14.60
N ASN A 438 18.10 22.18 14.87
CA ASN A 438 18.84 21.50 13.81
C ASN A 438 18.04 20.33 13.24
N PHE A 439 17.39 19.57 14.11
CA PHE A 439 16.68 18.37 13.64
C PHE A 439 15.37 18.75 12.95
N LEU A 440 14.77 19.88 13.35
CA LEU A 440 13.50 20.27 12.76
C LEU A 440 13.70 20.89 11.37
N LEU A 441 14.73 21.72 11.22
CA LEU A 441 14.95 22.38 9.93
C LEU A 441 15.24 21.37 8.83
N LYS A 442 15.93 20.29 9.17
CA LYS A 442 16.07 19.19 8.20
C LYS A 442 14.71 18.60 7.84
N GLN A 443 13.85 18.41 8.84
CA GLN A 443 12.51 17.93 8.56
C GLN A 443 11.65 19.03 7.95
N ALA A 444 12.00 20.29 8.20
CA ALA A 444 11.24 21.40 7.65
C ALA A 444 11.45 21.53 6.15
N LEU A 445 12.68 21.28 5.69
CA LEU A 445 12.95 21.39 4.25
C LEU A 445 12.20 20.31 3.48
N THR A 446 12.23 19.08 3.97
CA THR A 446 11.54 18.00 3.28
C THR A 446 10.02 18.12 3.40
N ILE A 447 9.52 18.22 4.64
CA ILE A 447 8.08 18.13 4.85
C ILE A 447 7.37 19.41 4.41
N VAL A 448 7.84 20.56 4.88
CA VAL A 448 7.16 21.82 4.56
C VAL A 448 7.52 22.28 3.16
N GLY A 449 8.76 22.05 2.74
CA GLY A 449 9.21 22.54 1.45
C GLY A 449 8.47 21.92 0.27
N THR A 450 7.92 20.72 0.46
CA THR A 450 7.23 20.06 -0.64
C THR A 450 5.77 20.47 -0.75
N LEU A 451 5.21 21.15 0.25
CA LEU A 451 3.79 21.53 0.18
C LEU A 451 3.53 22.56 -0.91
N PRO A 452 4.23 23.70 -0.98
CA PRO A 452 3.90 24.66 -2.04
C PRO A 452 4.10 24.10 -3.42
N PHE A 453 5.07 23.21 -3.61
CA PHE A 453 5.27 22.58 -4.91
C PHE A 453 4.11 21.66 -5.24
N THR A 454 3.55 20.98 -4.22
CA THR A 454 2.51 20.01 -4.48
C THR A 454 1.17 20.68 -4.75
N TYR A 455 0.80 21.67 -3.94
CA TYR A 455 -0.43 22.42 -4.18
C TYR A 455 -0.41 23.09 -5.54
N MET A 456 0.75 23.63 -5.92
CA MET A 456 0.86 24.31 -7.21
C MET A 456 0.64 23.34 -8.37
N LEU A 457 1.19 22.13 -8.27
CA LEU A 457 1.06 21.18 -9.36
C LEU A 457 -0.39 20.73 -9.51
N GLU A 458 -1.07 20.45 -8.40
CA GLU A 458 -2.44 19.97 -8.48
C GLU A 458 -3.38 21.06 -8.98
N LYS A 459 -3.22 22.29 -8.49
CA LYS A 459 -4.06 23.38 -8.97
C LYS A 459 -3.80 23.65 -10.45
N TRP A 460 -2.60 23.32 -10.93
CA TRP A 460 -2.27 23.55 -12.32
C TRP A 460 -2.96 22.54 -13.23
N ARG A 461 -2.90 21.25 -12.87
CA ARG A 461 -3.58 20.24 -13.68
C ARG A 461 -5.09 20.45 -13.66
N TRP A 462 -5.63 20.92 -12.54
CA TRP A 462 -7.08 21.03 -12.42
C TRP A 462 -7.64 22.14 -13.29
N MET A 463 -6.90 23.24 -13.44
CA MET A 463 -7.39 24.32 -14.28
C MET A 463 -7.18 24.03 -15.77
N VAL A 464 -6.23 23.16 -16.10
CA VAL A 464 -6.00 22.81 -17.50
C VAL A 464 -7.08 21.84 -17.97
N PHE A 465 -7.35 20.81 -17.17
CA PHE A 465 -8.37 19.83 -17.55
C PHE A 465 -9.76 20.45 -17.58
N LYS A 466 -10.02 21.40 -16.67
CA LYS A 466 -11.31 22.09 -16.67
C LYS A 466 -11.51 22.96 -17.91
N GLY A 467 -10.43 23.49 -18.48
CA GLY A 467 -10.55 24.33 -19.66
C GLY A 467 -10.40 25.81 -19.41
N GLU A 468 -10.22 26.23 -18.16
CA GLU A 468 -10.04 27.65 -17.84
C GLU A 468 -8.74 28.22 -18.41
N ILE A 469 -7.80 27.37 -18.80
CA ILE A 469 -6.51 27.84 -19.32
C ILE A 469 -6.40 27.45 -20.79
N PRO A 470 -6.41 28.41 -21.71
CA PRO A 470 -6.13 28.09 -23.12
C PRO A 470 -4.76 27.48 -23.28
N LYS A 471 -4.57 26.76 -24.39
CA LYS A 471 -3.33 26.01 -24.59
C LYS A 471 -2.12 26.94 -24.71
N ASP A 472 -2.34 28.16 -25.17
CA ASP A 472 -1.24 29.10 -25.34
C ASP A 472 -0.82 29.79 -24.06
N GLN A 473 -1.63 29.72 -23.00
CA GLN A 473 -1.30 30.36 -21.72
C GLN A 473 -0.67 29.38 -20.74
N TRP A 474 -0.43 28.12 -21.14
CA TRP A 474 0.12 27.13 -20.22
C TRP A 474 1.43 27.62 -19.62
N MET A 475 2.41 27.94 -20.47
CA MET A 475 3.71 28.38 -19.96
C MET A 475 3.62 29.74 -19.30
N LYS A 476 2.59 30.53 -19.66
CA LYS A 476 2.39 31.80 -18.98
C LYS A 476 1.77 31.60 -17.61
N LYS A 477 0.79 30.69 -17.50
CA LYS A 477 0.11 30.49 -16.23
C LYS A 477 0.97 29.65 -15.28
N TRP A 478 1.86 28.83 -15.83
CA TRP A 478 2.72 28.00 -14.99
C TRP A 478 3.64 28.85 -14.12
N TRP A 479 4.39 29.76 -14.73
CA TRP A 479 5.38 30.52 -13.98
C TRP A 479 4.77 31.70 -13.23
N GLU A 480 3.48 31.97 -13.42
CA GLU A 480 2.79 32.88 -12.52
C GLU A 480 2.45 32.20 -11.20
N MET A 481 2.23 30.88 -11.25
CA MET A 481 2.04 30.12 -10.02
C MET A 481 3.38 29.82 -9.35
N LYS A 482 4.45 29.65 -10.14
CA LYS A 482 5.78 29.50 -9.56
C LYS A 482 6.13 30.69 -8.67
N ARG A 483 5.99 31.90 -9.21
CA ARG A 483 6.44 33.09 -8.48
C ARG A 483 5.55 33.37 -7.28
N GLU A 484 4.23 33.39 -7.49
CA GLU A 484 3.32 33.82 -6.42
C GLU A 484 3.25 32.79 -5.30
N ILE A 485 2.91 31.55 -5.62
CA ILE A 485 2.71 30.54 -4.59
C ILE A 485 4.03 30.08 -3.97
N VAL A 486 4.96 29.59 -4.79
CA VAL A 486 6.18 28.97 -4.27
C VAL A 486 7.33 29.95 -4.13
N GLY A 487 7.22 31.15 -4.69
CA GLY A 487 8.34 32.09 -4.64
C GLY A 487 9.56 31.64 -5.39
N VAL A 488 9.39 31.08 -6.59
CA VAL A 488 10.50 30.62 -7.42
C VAL A 488 10.33 31.22 -8.81
N VAL A 489 11.42 31.74 -9.37
CA VAL A 489 11.41 32.41 -10.66
C VAL A 489 12.28 31.60 -11.61
N GLU A 490 11.96 31.67 -12.90
CA GLU A 490 12.73 30.95 -13.90
C GLU A 490 14.05 31.69 -14.16
N PRO A 491 15.17 30.96 -14.26
CA PRO A 491 16.44 31.59 -14.62
C PRO A 491 16.51 32.04 -16.06
N VAL A 492 15.80 31.37 -16.97
CA VAL A 492 15.74 31.76 -18.38
C VAL A 492 14.27 31.73 -18.80
N PRO A 493 13.81 32.66 -19.62
CA PRO A 493 12.42 32.62 -20.06
C PRO A 493 12.20 31.49 -21.07
N HIS A 494 11.03 30.85 -20.96
CA HIS A 494 10.63 29.79 -21.87
C HIS A 494 9.46 30.28 -22.72
N ASP A 495 9.54 30.04 -24.02
CA ASP A 495 8.45 30.37 -24.94
C ASP A 495 7.43 29.24 -24.91
N GLU A 496 6.47 29.29 -25.84
CA GLU A 496 5.40 28.32 -25.89
C GLU A 496 5.88 26.94 -26.34
N THR A 497 7.08 26.84 -26.91
CA THR A 497 7.60 25.56 -27.39
C THR A 497 7.96 24.61 -26.25
N TYR A 498 8.61 25.10 -25.20
CA TYR A 498 8.98 24.25 -24.07
C TYR A 498 7.75 23.90 -23.24
N CYS A 499 7.73 22.67 -22.72
CA CYS A 499 6.78 22.28 -21.67
C CYS A 499 7.60 21.86 -20.45
N ASP A 500 7.56 22.69 -19.40
CA ASP A 500 8.30 22.38 -18.19
C ASP A 500 7.72 21.21 -17.40
N PRO A 501 6.42 21.17 -17.07
CA PRO A 501 5.94 20.09 -16.19
C PRO A 501 6.09 18.69 -16.77
N ALA A 502 5.99 18.57 -18.10
CA ALA A 502 6.06 17.26 -18.74
C ALA A 502 7.33 16.50 -18.42
N SER A 503 8.44 17.19 -18.15
CA SER A 503 9.70 16.53 -17.84
C SER A 503 9.69 15.83 -16.49
N LEU A 504 8.75 16.16 -15.62
CA LEU A 504 8.69 15.59 -14.28
C LEU A 504 8.20 14.15 -14.35
N PHE A 505 8.60 13.34 -13.36
CA PHE A 505 8.25 11.93 -13.34
C PHE A 505 6.74 11.73 -13.32
N HIS A 506 6.06 12.32 -12.33
CA HIS A 506 4.65 12.01 -12.13
C HIS A 506 3.75 12.63 -13.19
N VAL A 507 4.26 13.63 -13.92
CA VAL A 507 3.45 14.26 -14.96
C VAL A 507 3.36 13.38 -16.19
N SER A 508 4.51 12.84 -16.64
CA SER A 508 4.52 12.02 -17.84
C SER A 508 4.10 10.58 -17.58
N ASN A 509 4.15 10.12 -16.32
CA ASN A 509 3.85 8.74 -15.98
C ASN A 509 2.39 8.54 -15.57
N ASP A 510 1.58 9.60 -15.64
CA ASP A 510 0.13 9.52 -15.38
C ASP A 510 -0.15 8.99 -13.98
N TYR A 511 0.49 9.60 -12.99
CA TYR A 511 0.18 9.37 -11.58
C TYR A 511 -0.33 10.65 -10.95
N SER A 512 -1.48 10.57 -10.29
CA SER A 512 -2.03 11.72 -9.59
C SER A 512 -1.16 12.06 -8.38
N PHE A 513 -0.72 13.32 -8.33
CA PHE A 513 0.33 13.74 -7.42
C PHE A 513 -0.21 14.32 -6.11
N ILE A 514 -1.53 14.46 -5.97
CA ILE A 514 -2.11 15.01 -4.74
C ILE A 514 -1.83 14.15 -3.53
N ARG A 515 -1.45 12.89 -3.73
CA ARG A 515 -1.13 12.00 -2.61
C ARG A 515 -0.08 12.60 -1.69
N TYR A 516 0.86 13.37 -2.24
CA TYR A 516 1.95 13.87 -1.42
C TYR A 516 1.55 15.09 -0.60
N TYR A 517 0.45 15.75 -0.95
CA TYR A 517 -0.04 16.85 -0.11
C TYR A 517 -0.81 16.32 1.10
N THR A 518 -1.63 15.30 0.88
CA THR A 518 -2.51 14.84 1.96
C THR A 518 -1.75 14.01 2.98
N ARG A 519 -0.74 13.24 2.55
CA ARG A 519 0.00 12.44 3.51
C ARG A 519 0.76 13.34 4.48
N THR A 520 1.07 14.57 4.06
CA THR A 520 1.75 15.50 4.95
C THR A 520 0.83 16.01 6.04
N LEU A 521 -0.43 16.27 5.69
CA LEU A 521 -1.37 16.76 6.70
C LEU A 521 -1.89 15.62 7.56
N TYR A 522 -1.99 14.42 6.99
CA TYR A 522 -2.56 13.31 7.75
C TYR A 522 -1.54 12.62 8.62
N GLN A 523 -0.25 12.89 8.43
CA GLN A 523 0.75 12.26 9.28
C GLN A 523 0.86 12.97 10.62
N PHE A 524 0.75 14.30 10.64
CA PHE A 524 0.87 15.01 11.90
C PHE A 524 -0.42 14.96 12.72
N GLN A 525 -1.58 14.81 12.06
CA GLN A 525 -2.80 14.56 12.80
C GLN A 525 -2.70 13.24 13.57
N PHE A 526 -2.23 12.19 12.91
CA PHE A 526 -1.99 10.93 13.60
C PHE A 526 -0.92 11.10 14.67
N GLN A 527 0.08 11.93 14.38
CA GLN A 527 1.19 12.10 15.32
C GLN A 527 0.71 12.78 16.60
N GLU A 528 -0.06 13.86 16.47
CA GLU A 528 -0.56 14.55 17.67
C GLU A 528 -1.63 13.72 18.36
N ALA A 529 -2.36 12.91 17.61
CA ALA A 529 -3.40 12.08 18.21
C ALA A 529 -2.80 10.94 19.02
N LEU A 530 -1.85 10.21 18.44
CA LEU A 530 -1.28 9.07 19.13
C LEU A 530 -0.42 9.49 20.31
N CYS A 531 0.36 10.56 20.17
CA CYS A 531 1.20 11.01 21.27
C CYS A 531 0.36 11.54 22.42
N GLN A 532 -0.72 12.26 22.15
CA GLN A 532 -1.59 12.73 23.21
C GLN A 532 -2.29 11.57 23.89
N ALA A 533 -2.45 10.45 23.17
CA ALA A 533 -2.98 9.24 23.80
C ALA A 533 -1.93 8.53 24.64
N ALA A 534 -0.65 8.73 24.35
CA ALA A 534 0.42 8.15 25.12
C ALA A 534 0.79 8.97 26.35
N LYS A 535 0.10 10.09 26.56
CA LYS A 535 0.34 10.98 27.70
C LYS A 535 1.77 11.53 27.68
N HIS A 536 2.25 11.85 26.47
CA HIS A 536 3.57 12.44 26.31
C HIS A 536 3.60 13.84 26.91
N GLU A 537 4.77 14.23 27.41
CA GLU A 537 4.95 15.53 28.05
C GLU A 537 6.00 16.31 27.28
N GLY A 538 5.72 17.60 27.05
CA GLY A 538 6.65 18.47 26.39
C GLY A 538 6.45 18.56 24.89
N PRO A 539 7.51 18.92 24.17
CA PRO A 539 7.39 19.17 22.73
C PRO A 539 6.93 17.93 21.96
N LEU A 540 6.36 18.18 20.78
CA LEU A 540 5.81 17.09 19.98
C LEU A 540 6.90 16.33 19.23
N HIS A 541 7.93 17.04 18.76
CA HIS A 541 8.93 16.39 17.93
C HIS A 541 9.78 15.39 18.70
N LYS A 542 9.78 15.45 20.02
CA LYS A 542 10.51 14.50 20.85
C LYS A 542 9.66 13.30 21.24
N CYS A 543 8.44 13.22 20.74
CA CYS A 543 7.54 12.12 21.07
C CYS A 543 8.05 10.79 20.54
N ASP A 544 7.78 9.74 21.30
CA ASP A 544 8.07 8.36 20.91
C ASP A 544 6.88 7.50 21.32
N ILE A 545 6.36 6.71 20.38
CA ILE A 545 5.20 5.88 20.65
C ILE A 545 5.58 4.50 21.17
N SER A 546 6.87 4.23 21.37
CA SER A 546 7.31 2.93 21.84
C SER A 546 6.75 2.62 23.23
N ASN A 547 6.48 1.34 23.48
CA ASN A 547 6.00 0.80 24.74
C ASN A 547 4.59 1.24 25.11
N SER A 548 3.98 2.14 24.34
CA SER A 548 2.64 2.62 24.64
C SER A 548 1.64 1.84 23.80
N THR A 549 0.84 1.01 24.47
CA THR A 549 -0.22 0.28 23.77
C THR A 549 -1.46 1.13 23.55
N GLU A 550 -1.62 2.22 24.32
CA GLU A 550 -2.80 3.06 24.17
C GLU A 550 -2.88 3.65 22.77
N ALA A 551 -1.74 4.09 22.22
CA ALA A 551 -1.75 4.63 20.86
C ALA A 551 -1.87 3.52 19.83
N GLY A 552 -1.11 2.44 20.00
CA GLY A 552 -1.11 1.38 19.01
C GLY A 552 -2.48 0.75 18.84
N GLN A 553 -3.23 0.60 19.93
CA GLN A 553 -4.56 0.02 19.83
C GLN A 553 -5.55 1.02 19.24
N LYS A 554 -5.40 2.30 19.58
CA LYS A 554 -6.24 3.33 18.98
C LYS A 554 -6.01 3.41 17.48
N LEU A 555 -4.76 3.35 17.05
CA LEU A 555 -4.45 3.40 15.62
C LEU A 555 -4.92 2.13 14.92
N PHE A 556 -4.84 0.98 15.61
CA PHE A 556 -5.24 -0.28 14.99
C PHE A 556 -6.73 -0.30 14.68
N ASN A 557 -7.53 0.52 15.37
CA ASN A 557 -8.95 0.57 15.10
C ASN A 557 -9.23 1.02 13.67
N MET A 558 -8.50 2.03 13.19
CA MET A 558 -8.67 2.54 11.83
C MET A 558 -8.01 1.66 10.79
N LEU A 559 -6.82 1.12 11.10
CA LEU A 559 -6.01 0.46 10.08
C LEU A 559 -6.73 -0.75 9.50
N ARG A 560 -7.45 -1.50 10.33
CA ARG A 560 -8.13 -2.70 9.86
C ARG A 560 -9.40 -2.39 9.08
N LEU A 561 -9.84 -1.13 9.05
CA LEU A 561 -11.09 -0.81 8.37
C LEU A 561 -10.95 -0.90 6.86
N GLY A 562 -9.77 -0.60 6.32
CA GLY A 562 -9.62 -0.58 4.88
C GLY A 562 -10.40 0.58 4.29
N LYS A 563 -10.87 0.40 3.05
CA LYS A 563 -11.70 1.39 2.38
C LYS A 563 -13.18 1.09 2.60
N SER A 564 -13.47 0.06 3.41
CA SER A 564 -14.84 -0.34 3.69
C SER A 564 -15.64 0.74 4.42
N GLU A 565 -14.99 1.78 4.92
CA GLU A 565 -15.65 2.88 5.58
C GLU A 565 -15.19 4.21 4.99
N PRO A 566 -16.05 5.23 5.00
CA PRO A 566 -15.63 6.56 4.55
C PRO A 566 -14.45 7.05 5.37
N TRP A 567 -13.47 7.63 4.69
CA TRP A 567 -12.25 8.05 5.38
C TRP A 567 -12.55 9.15 6.40
N THR A 568 -13.56 9.98 6.15
CA THR A 568 -13.94 10.98 7.12
C THR A 568 -14.47 10.34 8.39
N LEU A 569 -15.16 9.19 8.26
CA LEU A 569 -15.62 8.48 9.43
C LEU A 569 -14.47 7.77 10.14
N ALA A 570 -13.59 7.12 9.37
CA ALA A 570 -12.46 6.44 9.97
C ALA A 570 -11.49 7.42 10.62
N LEU A 571 -11.37 8.61 10.05
CA LEU A 571 -10.47 9.61 10.62
C LEU A 571 -11.01 10.12 11.95
N GLU A 572 -12.33 10.10 12.11
CA GLU A 572 -12.93 10.59 13.35
C GLU A 572 -12.49 9.76 14.56
N ASN A 573 -12.23 8.47 14.35
CA ASN A 573 -11.80 7.64 15.47
C ASN A 573 -10.43 8.07 16.00
N VAL A 574 -9.45 8.20 15.11
CA VAL A 574 -8.08 8.45 15.53
C VAL A 574 -7.89 9.87 16.07
N VAL A 575 -8.26 10.89 15.30
CA VAL A 575 -7.95 12.27 15.66
C VAL A 575 -9.11 12.97 16.35
N GLY A 576 -10.25 12.32 16.49
CA GLY A 576 -11.44 12.96 17.04
C GLY A 576 -11.96 14.13 16.23
N ALA A 577 -11.60 14.24 14.95
CA ALA A 577 -12.03 15.32 14.10
C ALA A 577 -12.42 14.78 12.73
N LYS A 578 -13.52 15.31 12.19
CA LYS A 578 -14.06 14.88 10.92
C LYS A 578 -13.45 15.60 9.73
N ASN A 579 -12.71 16.68 9.95
CA ASN A 579 -12.24 17.53 8.87
C ASN A 579 -10.72 17.57 8.87
N MET A 580 -10.16 17.70 7.67
CA MET A 580 -8.72 17.85 7.54
C MET A 580 -8.28 19.23 7.98
N ASN A 581 -7.32 19.27 8.92
CA ASN A 581 -6.89 20.51 9.53
C ASN A 581 -5.38 20.52 9.64
N VAL A 582 -4.77 21.71 9.51
CA VAL A 582 -3.32 21.81 9.57
C VAL A 582 -2.81 22.17 10.95
N ARG A 583 -3.69 22.28 11.95
CA ARG A 583 -3.26 22.67 13.30
C ARG A 583 -2.13 21.79 13.84
N PRO A 584 -2.09 20.47 13.63
CA PRO A 584 -0.91 19.72 14.09
C PRO A 584 0.37 20.14 13.39
N LEU A 585 0.29 20.60 12.14
CA LEU A 585 1.50 20.90 11.38
C LEU A 585 2.22 22.12 11.96
N LEU A 586 1.47 23.18 12.27
CA LEU A 586 2.08 24.36 12.86
C LEU A 586 2.52 24.09 14.29
N ASN A 587 1.79 23.22 15.00
CA ASN A 587 2.18 22.88 16.37
C ASN A 587 3.46 22.07 16.39
N TYR A 588 3.72 21.33 15.31
CA TYR A 588 4.92 20.50 15.25
C TYR A 588 6.16 21.35 15.03
N PHE A 589 6.06 22.36 14.16
CA PHE A 589 7.16 23.26 13.87
C PHE A 589 7.13 24.52 14.73
N GLU A 590 6.20 24.63 15.67
CA GLU A 590 6.11 25.81 16.52
C GLU A 590 7.44 26.16 17.17
N PRO A 591 8.24 25.21 17.68
CA PRO A 591 9.59 25.59 18.12
C PRO A 591 10.43 26.21 17.03
N LEU A 592 10.32 25.72 15.79
CA LEU A 592 11.08 26.31 14.70
C LEU A 592 10.46 27.61 14.21
N PHE A 593 9.12 27.67 14.19
CA PHE A 593 8.44 28.84 13.66
C PHE A 593 8.77 30.08 14.49
N THR A 594 9.02 29.91 15.78
CA THR A 594 9.40 31.04 16.60
C THR A 594 10.83 31.48 16.34
N TRP A 595 11.72 30.53 16.01
CA TRP A 595 13.12 30.87 15.83
C TRP A 595 13.38 31.50 14.46
N LEU A 596 12.62 31.09 13.44
CA LEU A 596 12.86 31.61 12.10
C LEU A 596 12.54 33.11 12.02
N LYS A 597 11.46 33.53 12.68
CA LYS A 597 11.08 34.93 12.64
C LYS A 597 12.09 35.81 13.37
N ASP A 598 12.85 35.21 14.30
CA ASP A 598 13.85 35.99 15.02
C ASP A 598 15.06 36.25 14.13
N GLN A 599 15.42 35.29 13.28
CA GLN A 599 16.51 35.50 12.33
C GLN A 599 16.05 36.28 11.11
N ASN A 600 14.75 36.31 10.85
CA ASN A 600 14.19 37.02 9.71
C ASN A 600 13.72 38.42 10.03
N LYS A 601 13.88 38.89 11.28
CA LYS A 601 13.43 40.23 11.62
C LYS A 601 14.26 41.30 10.92
N ASN A 602 15.51 40.98 10.57
CA ASN A 602 16.37 41.91 9.85
C ASN A 602 16.33 41.69 8.34
N SER A 603 15.56 40.71 7.87
CA SER A 603 15.45 40.40 6.46
C SER A 603 14.02 40.63 5.99
N PHE A 604 13.87 40.89 4.70
CA PHE A 604 12.56 41.16 4.14
C PHE A 604 11.79 39.84 3.95
N VAL A 605 10.60 39.78 4.54
CA VAL A 605 9.73 38.62 4.43
C VAL A 605 8.74 38.90 3.31
N GLY A 606 8.55 37.91 2.43
CA GLY A 606 7.66 38.05 1.29
C GLY A 606 8.44 38.24 0.00
N TRP A 607 7.72 38.17 -1.10
CA TRP A 607 8.32 38.27 -2.43
C TRP A 607 7.32 38.86 -3.42
N SER A 608 7.85 39.59 -4.40
CA SER A 608 7.06 40.15 -5.48
C SER A 608 7.25 39.33 -6.75
N THR A 609 6.19 39.21 -7.53
CA THR A 609 6.20 38.41 -8.75
C THR A 609 6.70 39.16 -9.97
N ASP A 610 7.07 40.43 -9.83
CA ASP A 610 7.50 41.22 -10.98
C ASP A 610 9.00 41.17 -11.22
N TRP A 611 9.75 40.47 -10.37
CA TRP A 611 11.18 40.40 -10.54
C TRP A 611 11.60 39.13 -11.26
N SER A 612 12.59 39.26 -12.15
CA SER A 612 13.13 38.12 -12.87
C SER A 612 14.63 38.34 -13.05
N PRO A 613 15.43 37.27 -13.06
CA PRO A 613 16.87 37.44 -13.21
C PRO A 613 17.27 37.97 -14.58
N TYR A 614 16.46 37.74 -15.62
CA TYR A 614 16.81 38.12 -16.98
C TYR A 614 16.34 39.52 -17.34
N ALA A 615 15.73 40.25 -16.41
CA ALA A 615 15.30 41.62 -16.64
C ALA A 615 16.24 42.56 -15.90
N ASP A 616 17.03 43.33 -16.66
CA ASP A 616 17.98 44.26 -16.07
C ASP A 616 17.73 45.68 -16.57
N THR B 330 -6.98 -59.32 16.91
CA THR B 330 -5.65 -58.88 17.32
C THR B 330 -4.98 -58.10 16.19
N ASN B 331 -5.40 -56.85 16.00
CA ASN B 331 -4.87 -56.00 14.95
C ASN B 331 -4.97 -54.54 15.35
N LEU B 332 -4.01 -53.76 14.88
CA LEU B 332 -4.03 -52.32 15.09
C LEU B 332 -4.92 -51.66 14.04
N CYS B 333 -5.66 -50.63 14.45
CA CYS B 333 -6.50 -49.90 13.50
C CYS B 333 -5.56 -49.21 12.54
N PRO B 334 -5.85 -49.31 11.24
CA PRO B 334 -4.91 -48.76 10.26
C PRO B 334 -4.93 -47.24 10.09
N PHE B 335 -4.55 -46.49 11.11
CA PHE B 335 -4.47 -45.04 10.92
C PHE B 335 -3.34 -44.66 9.98
N GLY B 336 -2.43 -45.60 9.69
CA GLY B 336 -1.31 -45.27 8.83
C GLY B 336 -1.74 -44.84 7.44
N GLU B 337 -2.74 -45.52 6.88
CA GLU B 337 -3.20 -45.17 5.54
C GLU B 337 -4.15 -43.98 5.55
N VAL B 338 -4.75 -43.63 6.69
CA VAL B 338 -5.62 -42.46 6.75
C VAL B 338 -4.82 -41.17 6.83
N PHE B 339 -3.83 -41.10 7.73
CA PHE B 339 -3.05 -39.88 7.88
C PHE B 339 -1.97 -39.73 6.81
N ASN B 340 -1.21 -40.78 6.53
CA ASN B 340 -0.03 -40.69 5.68
C ASN B 340 -0.34 -40.96 4.21
N ALA B 341 -1.63 -41.13 3.85
CA ALA B 341 -1.99 -41.22 2.45
C ALA B 341 -1.45 -40.02 1.69
N THR B 342 -0.92 -40.26 0.49
CA THR B 342 -0.24 -39.22 -0.26
C THR B 342 -1.19 -38.10 -0.66
N ARG B 343 -2.43 -38.43 -1.02
CA ARG B 343 -3.36 -37.46 -1.58
C ARG B 343 -4.73 -37.67 -0.95
N PHE B 344 -5.31 -36.60 -0.40
CA PHE B 344 -6.65 -36.67 0.15
C PHE B 344 -7.68 -36.15 -0.83
N ALA B 345 -8.94 -36.24 -0.43
CA ALA B 345 -10.05 -35.73 -1.20
C ALA B 345 -10.21 -34.23 -1.00
N SER B 346 -10.84 -33.58 -1.98
CA SER B 346 -11.26 -32.21 -1.81
C SER B 346 -12.37 -32.12 -0.77
N VAL B 347 -12.56 -30.92 -0.20
CA VAL B 347 -13.43 -30.79 0.97
C VAL B 347 -14.87 -31.20 0.65
N TYR B 348 -15.34 -31.00 -0.59
CA TYR B 348 -16.69 -31.45 -0.91
C TYR B 348 -16.70 -32.94 -1.18
N ALA B 349 -15.55 -33.49 -1.59
CA ALA B 349 -15.40 -34.89 -1.97
C ALA B 349 -15.01 -35.72 -0.75
N TRP B 350 -15.04 -35.10 0.43
CA TRP B 350 -14.35 -35.60 1.61
C TRP B 350 -14.65 -37.08 1.83
N ASN B 351 -13.59 -37.85 2.04
CA ASN B 351 -13.69 -39.31 2.01
C ASN B 351 -13.97 -39.84 3.40
N ARG B 352 -14.97 -40.72 3.49
CA ARG B 352 -15.31 -41.40 4.73
C ARG B 352 -14.76 -42.81 4.70
N LYS B 353 -14.12 -43.21 5.79
CA LYS B 353 -13.55 -44.55 5.92
C LYS B 353 -13.95 -45.12 7.27
N ARG B 354 -14.65 -46.25 7.23
CA ARG B 354 -15.13 -46.88 8.46
C ARG B 354 -13.98 -47.63 9.14
N ILE B 355 -13.86 -47.45 10.45
CA ILE B 355 -12.83 -48.11 11.25
C ILE B 355 -13.52 -48.92 12.34
N SER B 356 -13.38 -50.24 12.28
CA SER B 356 -14.01 -51.12 13.25
C SER B 356 -13.22 -52.42 13.34
N ASN B 357 -13.48 -53.15 14.43
CA ASN B 357 -12.84 -54.44 14.70
C ASN B 357 -11.32 -54.31 14.67
N CYS B 358 -10.81 -53.52 15.61
CA CYS B 358 -9.38 -53.31 15.78
C CYS B 358 -9.18 -52.59 17.10
N VAL B 359 -7.92 -52.32 17.43
CA VAL B 359 -7.55 -51.57 18.62
C VAL B 359 -6.75 -50.35 18.20
N ALA B 360 -7.17 -49.19 18.68
CA ALA B 360 -6.60 -47.91 18.26
C ALA B 360 -5.75 -47.36 19.39
N ASP B 361 -4.54 -46.91 19.07
CA ASP B 361 -3.64 -46.33 20.05
C ASP B 361 -3.58 -44.83 19.78
N TYR B 362 -4.17 -44.06 20.71
CA TYR B 362 -4.18 -42.61 20.57
C TYR B 362 -2.98 -41.96 21.22
N SER B 363 -2.20 -42.70 22.00
CA SER B 363 -1.03 -42.16 22.69
C SER B 363 0.03 -41.64 21.74
N VAL B 364 0.42 -42.42 20.74
CA VAL B 364 1.40 -41.95 19.77
C VAL B 364 0.85 -40.77 18.98
N LEU B 365 -0.47 -40.71 18.78
CA LEU B 365 -1.07 -39.55 18.13
C LEU B 365 -0.95 -38.32 19.02
N TYR B 366 -1.16 -38.49 20.33
CA TYR B 366 -1.11 -37.36 21.24
C TYR B 366 0.33 -36.98 21.56
N ASN B 367 1.25 -37.93 21.49
CA ASN B 367 2.65 -37.70 21.84
C ASN B 367 3.53 -37.37 20.64
N SER B 368 2.98 -37.33 19.43
CA SER B 368 3.80 -37.05 18.26
C SER B 368 4.18 -35.57 18.17
N ALA B 369 3.28 -34.68 18.58
CA ALA B 369 3.51 -33.24 18.58
C ALA B 369 3.81 -32.70 17.18
N SER B 370 3.37 -33.43 16.15
CA SER B 370 3.45 -32.95 14.78
C SER B 370 2.14 -32.30 14.33
N PHE B 371 1.14 -32.23 15.19
CA PHE B 371 -0.19 -31.77 14.83
C PHE B 371 -0.37 -30.33 15.32
N SER B 372 -0.72 -29.44 14.39
CA SER B 372 -0.91 -28.04 14.73
C SER B 372 -2.08 -27.82 15.68
N THR B 373 -3.27 -28.32 15.34
CA THR B 373 -4.44 -28.15 16.18
C THR B 373 -5.04 -29.51 16.48
N PHE B 374 -5.01 -29.90 17.75
CA PHE B 374 -5.58 -31.17 18.17
C PHE B 374 -6.54 -30.94 19.34
N LYS B 375 -7.83 -31.16 19.11
CA LYS B 375 -8.87 -30.88 20.10
C LYS B 375 -9.81 -32.08 20.17
N CYS B 376 -10.61 -32.14 21.23
CA CYS B 376 -11.68 -33.11 21.35
C CYS B 376 -12.89 -32.48 22.04
N TYR B 377 -14.07 -32.98 21.70
CA TYR B 377 -15.33 -32.40 22.14
C TYR B 377 -16.16 -33.50 22.79
N GLY B 378 -16.58 -33.27 24.03
CA GLY B 378 -17.41 -34.24 24.73
C GLY B 378 -16.63 -35.41 25.29
N VAL B 379 -15.34 -35.47 24.99
CA VAL B 379 -14.47 -36.54 25.49
C VAL B 379 -13.10 -35.94 25.74
N SER B 380 -12.46 -36.39 26.81
CA SER B 380 -11.11 -35.92 27.10
C SER B 380 -10.09 -36.78 26.35
N PRO B 381 -9.02 -36.18 25.82
CA PRO B 381 -8.01 -36.98 25.13
C PRO B 381 -7.29 -37.95 26.05
N THR B 382 -7.24 -37.65 27.35
CA THR B 382 -6.65 -38.58 28.30
C THR B 382 -7.62 -39.71 28.63
N LYS B 383 -8.89 -39.38 28.81
CA LYS B 383 -9.89 -40.37 29.18
C LYS B 383 -10.17 -41.39 28.08
N LEU B 384 -10.16 -40.95 26.81
CA LEU B 384 -10.45 -41.85 25.70
C LEU B 384 -9.38 -42.93 25.52
N ASN B 385 -8.24 -42.79 26.20
CA ASN B 385 -7.24 -43.86 26.16
C ASN B 385 -7.82 -45.17 26.64
N ASP B 386 -8.41 -45.21 27.83
CA ASP B 386 -9.21 -46.35 28.23
C ASP B 386 -10.68 -46.01 28.07
N LEU B 387 -11.31 -46.60 27.06
CA LEU B 387 -12.71 -46.34 26.72
C LEU B 387 -13.01 -47.18 25.48
N CYS B 388 -14.30 -47.39 25.22
CA CYS B 388 -14.69 -48.24 24.11
C CYS B 388 -15.84 -47.61 23.35
N PHE B 389 -15.59 -47.30 22.07
CA PHE B 389 -16.61 -46.84 21.15
C PHE B 389 -16.70 -47.79 19.96
N THR B 390 -17.92 -48.15 19.60
CA THR B 390 -18.12 -49.25 18.66
C THR B 390 -17.88 -48.81 17.22
N ASN B 391 -18.04 -47.52 16.93
CA ASN B 391 -17.92 -47.04 15.57
C ASN B 391 -17.03 -45.82 15.53
N VAL B 392 -16.00 -45.86 14.69
CA VAL B 392 -15.07 -44.75 14.52
C VAL B 392 -15.00 -44.42 13.04
N TYR B 393 -15.48 -43.23 12.69
CA TYR B 393 -15.43 -42.75 11.31
C TYR B 393 -14.30 -41.75 11.16
N ALA B 394 -13.42 -42.01 10.19
CA ALA B 394 -12.30 -41.11 9.90
C ALA B 394 -12.65 -40.31 8.66
N ASP B 395 -12.90 -39.02 8.85
CA ASP B 395 -13.16 -38.12 7.74
C ASP B 395 -11.87 -37.44 7.33
N SER B 396 -11.69 -37.25 6.03
CA SER B 396 -10.47 -36.69 5.49
C SER B 396 -10.80 -35.64 4.45
N PHE B 397 -10.12 -34.50 4.54
CA PHE B 397 -10.23 -33.43 3.56
C PHE B 397 -9.11 -32.44 3.79
N VAL B 398 -9.07 -31.40 2.95
CA VAL B 398 -8.05 -30.36 3.00
C VAL B 398 -8.72 -29.01 2.86
N ILE B 399 -8.43 -28.10 3.79
CA ILE B 399 -9.02 -26.76 3.81
C ILE B 399 -7.92 -25.75 4.07
N ARG B 400 -8.31 -24.47 4.06
CA ARG B 400 -7.42 -23.35 4.34
C ARG B 400 -7.04 -23.28 5.82
N GLY B 401 -5.89 -22.69 6.10
CA GLY B 401 -5.41 -22.61 7.47
C GLY B 401 -6.33 -21.84 8.38
N ASP B 402 -6.80 -20.68 7.91
CA ASP B 402 -7.70 -19.86 8.73
C ASP B 402 -9.12 -20.39 8.75
N GLU B 403 -9.45 -21.37 7.90
CA GLU B 403 -10.77 -21.98 7.89
C GLU B 403 -10.87 -23.19 8.80
N VAL B 404 -9.81 -23.54 9.53
CA VAL B 404 -9.87 -24.66 10.45
C VAL B 404 -10.80 -24.34 11.61
N ARG B 405 -10.89 -23.07 12.01
CA ARG B 405 -11.74 -22.69 13.12
C ARG B 405 -13.23 -22.92 12.82
N GLN B 406 -13.59 -23.09 11.55
CA GLN B 406 -14.98 -23.35 11.21
C GLN B 406 -15.37 -24.81 11.30
N ILE B 407 -14.45 -25.69 11.69
CA ILE B 407 -14.81 -27.08 11.91
C ILE B 407 -14.93 -27.30 13.41
N ALA B 408 -16.17 -27.45 13.88
CA ALA B 408 -16.51 -27.51 15.30
C ALA B 408 -18.02 -27.52 15.40
N PRO B 409 -18.58 -27.99 16.52
CA PRO B 409 -20.04 -27.85 16.71
C PRO B 409 -20.43 -26.40 16.86
N GLY B 410 -21.56 -26.05 16.26
CA GLY B 410 -22.05 -24.68 16.33
C GLY B 410 -21.20 -23.67 15.61
N GLN B 411 -20.92 -23.89 14.33
CA GLN B 411 -20.13 -22.97 13.53
C GLN B 411 -20.79 -22.70 12.18
N THR B 412 -20.53 -21.51 11.65
CA THR B 412 -21.04 -21.06 10.37
C THR B 412 -19.87 -20.77 9.42
N GLY B 413 -20.20 -20.25 8.25
CA GLY B 413 -19.22 -19.95 7.24
C GLY B 413 -19.27 -20.95 6.08
N ASN B 414 -18.45 -20.65 5.08
CA ASN B 414 -18.48 -21.40 3.83
C ASN B 414 -18.19 -22.88 4.05
N ILE B 415 -17.12 -23.19 4.78
CA ILE B 415 -16.76 -24.59 5.01
C ILE B 415 -17.81 -25.27 5.88
N ALA B 416 -18.34 -24.55 6.86
CA ALA B 416 -19.34 -25.13 7.75
C ALA B 416 -20.66 -25.36 7.03
N ASP B 417 -21.20 -24.30 6.40
CA ASP B 417 -22.51 -24.42 5.78
C ASP B 417 -22.46 -25.18 4.46
N TYR B 418 -21.55 -24.81 3.56
CA TYR B 418 -21.60 -25.28 2.19
C TYR B 418 -20.72 -26.50 1.91
N ASN B 419 -19.94 -26.98 2.87
CA ASN B 419 -18.99 -28.04 2.55
C ASN B 419 -19.07 -29.22 3.51
N TYR B 420 -18.64 -29.02 4.76
CA TYR B 420 -18.57 -30.10 5.72
C TYR B 420 -19.14 -29.58 7.03
N LYS B 421 -20.22 -30.20 7.52
CA LYS B 421 -20.98 -29.67 8.65
C LYS B 421 -21.07 -30.71 9.75
N LEU B 422 -20.52 -30.37 10.93
CA LEU B 422 -20.67 -31.16 12.14
C LEU B 422 -21.86 -30.69 12.95
N PRO B 423 -22.64 -31.60 13.51
CA PRO B 423 -23.78 -31.21 14.36
C PRO B 423 -23.30 -30.68 15.70
N ASP B 424 -24.22 -29.99 16.39
CA ASP B 424 -23.89 -29.35 17.65
C ASP B 424 -23.55 -30.38 18.73
N ASP B 425 -24.04 -31.61 18.58
CA ASP B 425 -23.87 -32.65 19.58
C ASP B 425 -22.60 -33.47 19.35
N PHE B 426 -21.79 -33.06 18.38
CA PHE B 426 -20.67 -33.87 17.92
C PHE B 426 -19.75 -34.26 19.08
N THR B 427 -19.52 -35.57 19.22
CA THR B 427 -18.76 -36.13 20.33
C THR B 427 -17.31 -36.44 20.00
N GLY B 428 -16.86 -36.17 18.78
CA GLY B 428 -15.56 -36.63 18.32
C GLY B 428 -14.43 -35.69 18.63
N CYS B 429 -13.39 -35.75 17.79
CA CYS B 429 -12.19 -34.93 17.94
C CYS B 429 -11.85 -34.29 16.59
N VAL B 430 -10.95 -33.30 16.63
CA VAL B 430 -10.51 -32.59 15.43
C VAL B 430 -9.00 -32.64 15.39
N ILE B 431 -8.45 -32.94 14.21
CA ILE B 431 -7.02 -33.10 14.02
C ILE B 431 -6.59 -32.32 12.78
N ALA B 432 -5.47 -31.61 12.88
CA ALA B 432 -4.94 -30.84 11.76
C ALA B 432 -3.42 -30.75 11.88
N TRP B 433 -2.76 -30.71 10.72
CA TRP B 433 -1.32 -30.51 10.67
C TRP B 433 -0.95 -29.81 9.37
N ASN B 434 0.27 -29.28 9.32
CA ASN B 434 0.69 -28.47 8.18
C ASN B 434 1.10 -29.35 7.01
N SER B 435 0.40 -29.21 5.89
CA SER B 435 0.66 -29.96 4.68
C SER B 435 1.49 -29.18 3.66
N ASN B 436 1.89 -27.95 3.99
CA ASN B 436 2.45 -27.06 2.98
C ASN B 436 3.72 -27.60 2.35
N ASN B 437 4.43 -28.49 3.05
CA ASN B 437 5.65 -29.06 2.48
C ASN B 437 5.37 -30.07 1.38
N LEU B 438 4.12 -30.49 1.20
CA LEU B 438 3.76 -31.53 0.25
C LEU B 438 2.65 -31.13 -0.71
N ASP B 439 1.45 -30.88 -0.22
CA ASP B 439 0.28 -30.61 -1.05
C ASP B 439 0.43 -29.36 -1.93
N SER B 440 1.34 -28.45 -1.59
CA SER B 440 1.52 -27.23 -2.34
C SER B 440 2.76 -27.34 -3.24
N LYS B 441 2.65 -26.75 -4.42
CA LYS B 441 3.76 -26.74 -5.36
C LYS B 441 3.77 -25.41 -6.08
N VAL B 442 4.90 -25.12 -6.73
CA VAL B 442 5.04 -23.86 -7.46
C VAL B 442 4.05 -23.82 -8.61
N GLY B 443 3.33 -22.70 -8.71
CA GLY B 443 2.32 -22.52 -9.74
C GLY B 443 0.89 -22.77 -9.28
N GLY B 444 0.69 -23.38 -8.12
CA GLY B 444 -0.64 -23.66 -7.60
C GLY B 444 -1.06 -25.06 -7.98
N ASN B 445 -1.87 -25.68 -7.12
CA ASN B 445 -2.40 -27.00 -7.36
C ASN B 445 -3.92 -26.91 -7.42
N TYR B 446 -4.48 -27.16 -8.60
CA TYR B 446 -5.90 -26.93 -8.84
C TYR B 446 -6.76 -28.17 -8.61
N ASN B 447 -6.17 -29.27 -8.15
CA ASN B 447 -6.98 -30.44 -7.86
C ASN B 447 -7.92 -30.23 -6.68
N TYR B 448 -7.42 -29.60 -5.61
CA TYR B 448 -8.21 -29.33 -4.42
C TYR B 448 -9.31 -28.32 -4.76
N LEU B 449 -10.55 -28.65 -4.42
CA LEU B 449 -11.70 -27.85 -4.76
C LEU B 449 -12.59 -27.66 -3.55
N TYR B 450 -13.52 -26.70 -3.64
CA TYR B 450 -14.51 -26.49 -2.61
C TYR B 450 -15.79 -25.97 -3.26
N ARG B 451 -16.90 -26.17 -2.57
CA ARG B 451 -18.19 -25.70 -3.06
C ARG B 451 -18.48 -24.33 -2.46
N LEU B 452 -18.45 -23.30 -3.31
CA LEU B 452 -18.62 -21.93 -2.85
C LEU B 452 -20.08 -21.53 -2.64
N PHE B 453 -20.98 -22.01 -3.49
CA PHE B 453 -22.40 -21.68 -3.38
C PHE B 453 -23.23 -22.96 -3.31
N ARG B 454 -24.32 -22.89 -2.55
CA ARG B 454 -25.32 -23.95 -2.56
C ARG B 454 -26.65 -23.34 -2.16
N LYS B 455 -27.74 -23.97 -2.62
CA LYS B 455 -29.07 -23.42 -2.40
C LYS B 455 -29.41 -23.30 -0.92
N SER B 456 -28.97 -24.25 -0.10
CA SER B 456 -29.25 -24.21 1.33
C SER B 456 -28.07 -24.79 2.08
N ASN B 457 -28.17 -24.78 3.40
CA ASN B 457 -27.13 -25.33 4.26
C ASN B 457 -27.15 -26.85 4.24
N LEU B 458 -26.03 -27.45 4.60
CA LEU B 458 -25.92 -28.89 4.61
C LEU B 458 -26.34 -29.47 5.97
N LYS B 459 -27.12 -30.55 5.91
CA LYS B 459 -27.48 -31.28 7.11
C LYS B 459 -26.23 -31.98 7.66
N PRO B 460 -26.27 -32.42 8.93
CA PRO B 460 -25.07 -33.04 9.53
C PRO B 460 -24.59 -34.25 8.74
N PHE B 461 -23.29 -34.28 8.47
CA PHE B 461 -22.61 -35.37 7.78
C PHE B 461 -23.25 -35.70 6.44
N GLU B 462 -23.43 -34.72 5.57
CA GLU B 462 -24.04 -35.00 4.27
C GLU B 462 -23.10 -34.62 3.13
N ARG B 463 -22.71 -35.63 2.36
CA ARG B 463 -21.84 -35.46 1.21
C ARG B 463 -22.69 -35.10 0.00
N ASP B 464 -22.43 -33.93 -0.59
CA ASP B 464 -23.10 -33.53 -1.83
C ASP B 464 -22.02 -33.31 -2.89
N ILE B 465 -21.98 -34.21 -3.87
CA ILE B 465 -21.02 -34.17 -4.96
C ILE B 465 -21.59 -33.53 -6.22
N SER B 466 -22.84 -33.07 -6.17
CA SER B 466 -23.51 -32.57 -7.37
C SER B 466 -22.76 -31.39 -7.97
N THR B 467 -22.54 -31.47 -9.28
CA THR B 467 -21.87 -30.44 -10.05
C THR B 467 -22.86 -29.47 -10.68
N GLU B 468 -24.14 -29.65 -10.38
CA GLU B 468 -25.19 -28.85 -11.01
C GLU B 468 -24.93 -27.36 -10.82
N ILE B 469 -25.20 -26.58 -11.88
CA ILE B 469 -24.93 -25.16 -11.85
C ILE B 469 -25.80 -24.46 -10.82
N TYR B 470 -25.17 -23.69 -9.95
CA TYR B 470 -25.90 -22.91 -8.96
C TYR B 470 -26.75 -21.86 -9.66
N GLN B 471 -27.92 -21.56 -9.10
CA GLN B 471 -28.83 -20.59 -9.68
C GLN B 471 -29.04 -19.45 -8.69
N ALA B 472 -28.49 -18.28 -9.01
CA ALA B 472 -28.68 -17.12 -8.15
C ALA B 472 -30.01 -16.42 -8.39
N GLY B 473 -30.41 -16.22 -9.64
CA GLY B 473 -31.58 -15.47 -9.99
C GLY B 473 -32.72 -16.34 -10.51
N SER B 474 -33.72 -15.67 -11.09
CA SER B 474 -34.85 -16.34 -11.72
C SER B 474 -34.61 -16.66 -13.18
N THR B 475 -33.46 -16.32 -13.72
CA THR B 475 -33.16 -16.63 -15.11
C THR B 475 -32.75 -18.09 -15.24
N PRO B 476 -33.42 -18.88 -16.06
CA PRO B 476 -33.06 -20.29 -16.21
C PRO B 476 -31.64 -20.46 -16.72
N CYS B 477 -30.88 -21.29 -16.02
CA CYS B 477 -29.49 -21.54 -16.37
C CYS B 477 -29.34 -22.52 -17.53
N ASN B 478 -30.09 -23.62 -17.55
CA ASN B 478 -29.94 -24.67 -18.55
C ASN B 478 -28.51 -25.21 -18.57
N GLY B 479 -27.84 -25.16 -17.42
CA GLY B 479 -26.53 -25.77 -17.28
C GLY B 479 -25.42 -25.11 -18.08
N VAL B 480 -25.48 -23.79 -18.27
CA VAL B 480 -24.41 -23.05 -18.94
C VAL B 480 -24.01 -21.88 -18.06
N LYS B 481 -22.74 -21.50 -18.15
CA LYS B 481 -22.25 -20.34 -17.42
C LYS B 481 -22.86 -19.08 -18.00
N GLY B 482 -22.85 -18.01 -17.22
CA GLY B 482 -23.43 -16.78 -17.68
C GLY B 482 -23.78 -15.85 -16.54
N PHE B 483 -24.74 -14.97 -16.81
CA PHE B 483 -25.18 -14.00 -15.81
C PHE B 483 -26.06 -14.68 -14.77
N ASN B 484 -25.64 -14.58 -13.51
CA ASN B 484 -26.32 -15.17 -12.36
C ASN B 484 -26.44 -16.68 -12.46
N CYS B 485 -25.55 -17.34 -13.21
CA CYS B 485 -25.42 -18.80 -13.19
C CYS B 485 -23.94 -19.10 -13.05
N TYR B 486 -23.56 -19.73 -11.94
CA TYR B 486 -22.16 -19.87 -11.57
C TYR B 486 -21.81 -21.34 -11.41
N PHE B 487 -20.57 -21.68 -11.73
CA PHE B 487 -20.09 -23.03 -11.47
C PHE B 487 -19.63 -23.12 -10.03
N PRO B 488 -20.31 -23.87 -9.17
CA PRO B 488 -20.09 -23.75 -7.72
C PRO B 488 -18.73 -24.23 -7.23
N LEU B 489 -18.09 -25.18 -7.92
CA LEU B 489 -16.83 -25.75 -7.46
C LEU B 489 -15.70 -24.79 -7.82
N GLN B 490 -14.96 -24.35 -6.81
CA GLN B 490 -13.83 -23.45 -6.98
CA GLN B 490 -13.82 -23.47 -7.00
C GLN B 490 -12.56 -24.11 -6.44
N SER B 491 -11.41 -23.64 -6.93
CA SER B 491 -10.13 -24.24 -6.57
C SER B 491 -9.33 -23.37 -5.61
N TYR B 492 -8.60 -24.02 -4.72
CA TYR B 492 -7.61 -23.32 -3.91
C TYR B 492 -6.24 -23.43 -4.56
N GLY B 493 -5.72 -22.31 -5.03
CA GLY B 493 -4.35 -22.32 -5.50
C GLY B 493 -3.37 -22.48 -4.36
N PHE B 494 -2.48 -23.47 -4.40
CA PHE B 494 -1.43 -23.60 -3.39
C PHE B 494 -0.06 -23.56 -4.07
N GLN B 495 0.66 -22.48 -3.86
CA GLN B 495 2.08 -22.24 -3.97
C GLN B 495 2.75 -22.45 -2.61
N PRO B 496 4.06 -22.72 -2.58
CA PRO B 496 4.74 -22.82 -1.27
C PRO B 496 4.87 -21.48 -0.56
N THR B 497 4.68 -20.36 -1.25
CA THR B 497 5.09 -19.06 -0.77
C THR B 497 4.05 -18.33 0.06
N TYR B 498 2.90 -18.95 0.34
CA TYR B 498 1.89 -18.27 1.15
C TYR B 498 2.37 -18.05 2.58
N GLY B 499 1.74 -17.09 3.26
CA GLY B 499 1.96 -16.93 4.68
C GLY B 499 1.38 -18.07 5.47
N VAL B 500 1.78 -18.13 6.74
CA VAL B 500 1.39 -19.24 7.62
C VAL B 500 -0.12 -19.36 7.71
N GLY B 501 -0.84 -18.24 7.65
CA GLY B 501 -2.29 -18.26 7.81
C GLY B 501 -3.02 -19.06 6.75
N TYR B 502 -2.78 -18.76 5.49
CA TYR B 502 -3.41 -19.48 4.38
C TYR B 502 -3.04 -20.96 4.26
N GLN B 503 -1.76 -21.25 4.47
CA GLN B 503 -1.17 -22.51 4.08
C GLN B 503 -2.18 -23.65 4.17
N PRO B 504 -2.06 -24.65 3.31
CA PRO B 504 -2.98 -25.79 3.37
C PRO B 504 -2.73 -26.66 4.60
N TYR B 505 -3.83 -27.12 5.21
CA TYR B 505 -3.76 -28.11 6.28
C TYR B 505 -4.59 -29.31 5.87
N ARG B 506 -4.10 -30.51 6.19
CA ARG B 506 -4.90 -31.71 6.05
C ARG B 506 -5.62 -32.00 7.36
N VAL B 507 -6.93 -31.88 7.34
CA VAL B 507 -7.75 -32.00 8.53
C VAL B 507 -8.41 -33.37 8.52
N VAL B 508 -8.29 -34.09 9.64
CA VAL B 508 -8.93 -35.39 9.80
C VAL B 508 -9.90 -35.28 10.98
N VAL B 509 -11.19 -35.42 10.70
CA VAL B 509 -12.24 -35.33 11.71
C VAL B 509 -12.67 -36.75 12.06
N LEU B 510 -12.60 -37.08 13.34
CA LEU B 510 -12.96 -38.40 13.84
C LEU B 510 -14.30 -38.31 14.54
N SER B 511 -15.23 -39.17 14.16
CA SER B 511 -16.55 -39.24 14.77
C SER B 511 -16.65 -40.48 15.64
N PHE B 512 -17.38 -40.37 16.74
CA PHE B 512 -17.58 -41.46 17.69
C PHE B 512 -19.04 -41.56 18.05
N GLU B 513 -19.61 -42.76 17.90
CA GLU B 513 -21.00 -43.00 18.25
C GLU B 513 -21.14 -44.36 18.92
N LEU B 514 -22.30 -44.59 19.53
CA LEU B 514 -22.61 -45.86 20.16
C LEU B 514 -23.99 -46.33 19.70
N LEU B 515 -24.09 -47.59 19.32
CA LEU B 515 -25.35 -48.18 18.88
C LEU B 515 -25.42 -49.59 19.48
N HIS B 516 -26.45 -50.34 19.10
CA HIS B 516 -26.66 -51.69 19.61
C HIS B 516 -25.51 -52.63 19.33
N ALA B 517 -24.66 -52.33 18.36
CA ALA B 517 -23.54 -53.20 18.04
C ALA B 517 -22.54 -53.22 19.18
N PRO B 518 -21.84 -54.34 19.37
CA PRO B 518 -20.80 -54.38 20.40
C PRO B 518 -19.60 -53.54 20.02
N ALA B 519 -18.87 -53.08 21.04
CA ALA B 519 -17.75 -52.18 20.84
C ALA B 519 -16.47 -53.01 20.77
N THR B 520 -15.87 -53.07 19.59
CA THR B 520 -14.62 -53.80 19.38
C THR B 520 -13.39 -52.91 19.45
N VAL B 521 -13.56 -51.61 19.62
CA VAL B 521 -12.46 -50.66 19.60
C VAL B 521 -12.27 -50.12 21.01
N CYS B 522 -11.09 -50.35 21.57
CA CYS B 522 -10.78 -49.93 22.93
C CYS B 522 -9.31 -49.53 22.98
N GLY B 523 -8.81 -49.28 24.19
CA GLY B 523 -7.42 -48.89 24.36
C GLY B 523 -6.42 -50.01 24.17
ZN ZN C . 5.70 4.49 1.15
C1 NAG D . 10.55 0.16 26.53
C2 NAG D . 11.71 1.14 26.40
C3 NAG D . 13.05 0.40 26.45
C4 NAG D . 13.12 -0.48 27.69
C5 NAG D . 11.91 -1.40 27.75
C6 NAG D . 11.85 -2.22 29.03
C7 NAG D . 12.03 3.19 25.09
C8 NAG D . 11.84 3.86 23.76
N2 NAG D . 11.60 1.93 25.19
O3 NAG D . 14.11 1.34 26.45
O4 NAG D . 14.30 -1.27 27.65
O5 NAG D . 10.70 -0.63 27.72
O6 NAG D . 12.22 -1.43 30.16
O7 NAG D . 12.56 3.77 26.05
C1 NAG E . -24.08 -5.94 4.15
C2 NAG E . -24.49 -5.84 5.62
C3 NAG E . -23.37 -6.34 6.52
C4 NAG E . -22.92 -7.73 6.10
C5 NAG E . -22.59 -7.76 4.62
C6 NAG E . -22.27 -9.14 4.11
C7 NAG E . -25.76 -4.18 6.90
C8 NAG E . -26.03 -2.72 7.13
N2 NAG E . -24.86 -4.47 5.97
O3 NAG E . -23.80 -6.35 7.87
O4 NAG E . -21.78 -8.12 6.85
O5 NAG E . -23.71 -7.28 3.84
O6 NAG E . -22.55 -9.26 2.72
O7 NAG E . -26.35 -5.05 7.55
C1 NAG F . 5.41 -13.57 16.40
C2 NAG F . 6.55 -14.57 16.29
C3 NAG F . 6.08 -15.96 16.70
C4 NAG F . 5.43 -15.92 18.08
C5 NAG F . 4.32 -14.87 18.09
C6 NAG F . 3.68 -14.70 19.45
C7 NAG F . 8.37 -14.95 14.68
C8 NAG F . 8.77 -14.92 13.24
N2 NAG F . 7.11 -14.59 14.95
O3 NAG F . 7.19 -16.86 16.72
O4 NAG F . 4.87 -17.20 18.39
O5 NAG F . 4.85 -13.59 17.72
O6 NAG F . 3.65 -15.92 20.17
O7 NAG F . 9.15 -15.27 15.57
C1 NAG G . 17.33 -15.69 -12.96
C2 NAG G . 17.73 -16.94 -12.20
C3 NAG G . 18.69 -17.79 -13.03
C4 NAG G . 18.09 -18.07 -14.40
C5 NAG G . 17.67 -16.77 -15.08
C6 NAG G . 16.96 -16.99 -16.39
C7 NAG G . 17.65 -16.73 -9.76
C8 NAG G . 18.41 -16.34 -8.52
N2 NAG G . 18.32 -16.62 -10.91
O3 NAG G . 18.96 -19.01 -12.36
O4 NAG G . 19.04 -18.74 -15.22
O5 NAG G . 16.76 -16.04 -14.23
O6 NAG G . 16.24 -18.22 -16.40
O7 NAG G . 16.49 -17.12 -9.71
C1 NAG H . 3.07 -41.50 9.36
C2 NAG H . 2.68 -42.28 10.62
C3 NAG H . 3.44 -41.74 11.83
C4 NAG H . 4.94 -41.71 11.56
C5 NAG H . 5.22 -40.96 10.26
C6 NAG H . 6.67 -41.00 9.86
C7 NAG H . 0.59 -43.12 11.58
C8 NAG H . -0.88 -42.90 11.71
N2 NAG H . 1.24 -42.22 10.85
O3 NAG H . 3.17 -42.55 12.97
O4 NAG H . 5.61 -41.06 12.62
O5 NAG H . 4.48 -41.55 9.18
O6 NAG H . 6.88 -41.80 8.70
O7 NAG H . 1.16 -44.06 12.11
#